data_1ESH
# 
_entry.id   1ESH 
# 
_audit_conform.dict_name       mmcif_pdbx.dic 
_audit_conform.dict_version    5.392 
_audit_conform.dict_location   http://mmcif.pdb.org/dictionaries/ascii/mmcif_pdbx.dic 
# 
loop_
_database_2.database_id 
_database_2.database_code 
_database_2.pdbx_database_accession 
_database_2.pdbx_DOI 
PDB   1ESH         pdb_00001esh 10.2210/pdb1esh/pdb 
RCSB  RCSB010854   ?            ?                   
WWPDB D_1000010854 ?            ?                   
# 
loop_
_pdbx_audit_revision_history.ordinal 
_pdbx_audit_revision_history.data_content_type 
_pdbx_audit_revision_history.major_revision 
_pdbx_audit_revision_history.minor_revision 
_pdbx_audit_revision_history.revision_date 
1 'Structure model' 1 0 2000-04-24 
2 'Structure model' 1 1 2008-04-27 
3 'Structure model' 1 2 2011-07-13 
4 'Structure model' 1 3 2022-02-16 
5 'Structure model' 1 4 2024-05-22 
# 
_pdbx_audit_revision_details.ordinal             1 
_pdbx_audit_revision_details.revision_ordinal    1 
_pdbx_audit_revision_details.data_content_type   'Structure model' 
_pdbx_audit_revision_details.provider            repository 
_pdbx_audit_revision_details.type                'Initial release' 
_pdbx_audit_revision_details.description         ? 
_pdbx_audit_revision_details.details             ? 
# 
loop_
_pdbx_audit_revision_group.ordinal 
_pdbx_audit_revision_group.revision_ordinal 
_pdbx_audit_revision_group.data_content_type 
_pdbx_audit_revision_group.group 
1 2 'Structure model' 'Version format compliance' 
2 3 'Structure model' 'Version format compliance' 
3 4 'Structure model' 'Database references'       
4 4 'Structure model' 'Derived calculations'      
5 5 'Structure model' 'Data collection'           
# 
loop_
_pdbx_audit_revision_category.ordinal 
_pdbx_audit_revision_category.revision_ordinal 
_pdbx_audit_revision_category.data_content_type 
_pdbx_audit_revision_category.category 
1 4 'Structure model' database_2            
2 4 'Structure model' pdbx_struct_assembly  
3 4 'Structure model' pdbx_struct_oper_list 
4 5 'Structure model' chem_comp_atom        
5 5 'Structure model' chem_comp_bond        
# 
loop_
_pdbx_audit_revision_item.ordinal 
_pdbx_audit_revision_item.revision_ordinal 
_pdbx_audit_revision_item.data_content_type 
_pdbx_audit_revision_item.item 
1 4 'Structure model' '_database_2.pdbx_DOI'                
2 4 'Structure model' '_database_2.pdbx_database_accession' 
# 
_pdbx_database_status.status_code                     REL 
_pdbx_database_status.entry_id                        1ESH 
_pdbx_database_status.recvd_initial_deposition_date   2000-04-10 
_pdbx_database_status.deposit_site                    RCSB 
_pdbx_database_status.process_site                    RCSB 
_pdbx_database_status.status_code_mr                  REL 
_pdbx_database_status.SG_entry                        . 
_pdbx_database_status.pdb_format_compatible           Y 
_pdbx_database_status.status_code_sf                  ? 
_pdbx_database_status.status_code_cs                  ? 
_pdbx_database_status.status_code_nmr_data            ? 
_pdbx_database_status.methods_development_category    ? 
# 
loop_
_audit_author.name 
_audit_author.pdbx_ordinal 
'Kim, C.-H.'     1 
'Kao, C.C.'      2 
'Tinoco Jr., I.' 3 
# 
_citation.id                        primary 
_citation.title                     'RNA motifs that determine specificity between a viral replicase and its promoter.' 
_citation.journal_abbrev            Nat.Struct.Biol. 
_citation.journal_volume            7 
_citation.page_first                415 
_citation.page_last                 423 
_citation.year                      2000 
_citation.journal_id_ASTM           NSBIEW 
_citation.country                   US 
_citation.journal_id_ISSN           1072-8368 
_citation.journal_id_CSD            2024 
_citation.book_publisher            ? 
_citation.pdbx_database_id_PubMed   10802741 
_citation.pdbx_database_id_DOI      10.1038/75202 
# 
loop_
_citation_author.citation_id 
_citation_author.name 
_citation_author.ordinal 
_citation_author.identifier_ORCID 
primary 'Kim, C.H.'      1 ? 
primary 'Kao, C.C.'      2 ? 
primary 'Tinoco Jr., I.' 3 ? 
# 
_entity.id                         1 
_entity.type                       polymer 
_entity.src_method                 syn 
_entity.pdbx_description           
;RNA (5'-R(*GP*GP*UP*GP*CP*AP*UP*AP*GP*CP*AP*CP*C)-3')
;
_entity.formula_weight             4156.541 
_entity.pdbx_number_of_molecules   1 
_entity.pdbx_ec                    ? 
_entity.pdbx_mutation              ? 
_entity.pdbx_fragment              ? 
_entity.details                    ? 
# 
_entity_poly.entity_id                      1 
_entity_poly.type                           polyribonucleotide 
_entity_poly.nstd_linkage                   no 
_entity_poly.nstd_monomer                   no 
_entity_poly.pdbx_seq_one_letter_code       GGUGCAUAGCACC 
_entity_poly.pdbx_seq_one_letter_code_can   GGUGCAUAGCACC 
_entity_poly.pdbx_strand_id                 A 
_entity_poly.pdbx_target_identifier         ? 
# 
loop_
_entity_poly_seq.entity_id 
_entity_poly_seq.num 
_entity_poly_seq.mon_id 
_entity_poly_seq.hetero 
1 1  G n 
1 2  G n 
1 3  U n 
1 4  G n 
1 5  C n 
1 6  A n 
1 7  U n 
1 8  A n 
1 9  G n 
1 10 C n 
1 11 A n 
1 12 C n 
1 13 C n 
# 
_pdbx_entity_src_syn.entity_id              1 
_pdbx_entity_src_syn.pdbx_src_id            1 
_pdbx_entity_src_syn.pdbx_alt_source_flag   sample 
_pdbx_entity_src_syn.pdbx_beg_seq_num       ? 
_pdbx_entity_src_syn.pdbx_end_seq_num       ? 
_pdbx_entity_src_syn.organism_scientific    ? 
_pdbx_entity_src_syn.organism_common_name   ? 
_pdbx_entity_src_syn.ncbi_taxonomy_id       ? 
_pdbx_entity_src_syn.details                'SEQUENCE OCCURS NATURALLY IN BROME MOSAIC VIRUS EXCEPT FOR THE TERMINAL TWO GC BPS' 
# 
loop_
_chem_comp.id 
_chem_comp.type 
_chem_comp.mon_nstd_flag 
_chem_comp.name 
_chem_comp.pdbx_synonyms 
_chem_comp.formula 
_chem_comp.formula_weight 
A 'RNA linking' y "ADENOSINE-5'-MONOPHOSPHATE" ? 'C10 H14 N5 O7 P' 347.221 
C 'RNA linking' y "CYTIDINE-5'-MONOPHOSPHATE"  ? 'C9 H14 N3 O8 P'  323.197 
G 'RNA linking' y "GUANOSINE-5'-MONOPHOSPHATE" ? 'C10 H14 N5 O8 P' 363.221 
U 'RNA linking' y "URIDINE-5'-MONOPHOSPHATE"   ? 'C9 H13 N2 O9 P'  324.181 
# 
loop_
_pdbx_poly_seq_scheme.asym_id 
_pdbx_poly_seq_scheme.entity_id 
_pdbx_poly_seq_scheme.seq_id 
_pdbx_poly_seq_scheme.mon_id 
_pdbx_poly_seq_scheme.ndb_seq_num 
_pdbx_poly_seq_scheme.pdb_seq_num 
_pdbx_poly_seq_scheme.auth_seq_num 
_pdbx_poly_seq_scheme.pdb_mon_id 
_pdbx_poly_seq_scheme.auth_mon_id 
_pdbx_poly_seq_scheme.pdb_strand_id 
_pdbx_poly_seq_scheme.pdb_ins_code 
_pdbx_poly_seq_scheme.hetero 
A 1 1  G 1  1  1  G G A . n 
A 1 2  G 2  2  2  G G A . n 
A 1 3  U 3  3  3  U U A . n 
A 1 4  G 4  4  4  G G A . n 
A 1 5  C 5  5  5  C C A . n 
A 1 6  A 6  6  6  A A A . n 
A 1 7  U 7  7  7  U U A . n 
A 1 8  A 8  8  8  A A A . n 
A 1 9  G 9  9  9  G G A . n 
A 1 10 C 10 10 10 C C A . n 
A 1 11 A 11 11 11 A A A . n 
A 1 12 C 12 12 12 C C A . n 
A 1 13 C 13 13 13 C C A . n 
# 
_cell.entry_id           1ESH 
_cell.length_a           1.000 
_cell.length_b           1.000 
_cell.length_c           1.000 
_cell.angle_alpha        90.00 
_cell.angle_beta         90.00 
_cell.angle_gamma        90.00 
_cell.Z_PDB              1 
_cell.pdbx_unique_axis   ? 
# 
_symmetry.entry_id                         1ESH 
_symmetry.space_group_name_H-M             'P 1' 
_symmetry.pdbx_full_space_group_name_H-M   ? 
_symmetry.cell_setting                     ? 
_symmetry.Int_Tables_number                1 
# 
_exptl.entry_id          1ESH 
_exptl.method            'SOLUTION NMR' 
_exptl.crystals_number   ? 
# 
_struct.entry_id                  1ESH 
_struct.title                     
;THE SOLUTION STRUCTURE OF THE STEM LOOP C 5'AUA3' TRILOOP OF BROME MOSAIC VIRUS (+) STRAND RNA
;
_struct.pdbx_model_details        ? 
_struct.pdbx_CASP_flag            ? 
_struct.pdbx_model_type_details   ? 
# 
_struct_keywords.entry_id        1ESH 
_struct_keywords.pdbx_keywords   RNA 
_struct_keywords.text            'RNA, TRILOOP, STEM-LOOP, Brome Mosaic Virus' 
# 
_struct_asym.id                            A 
_struct_asym.pdbx_blank_PDB_chainid_flag   N 
_struct_asym.pdbx_modified                 N 
_struct_asym.entity_id                     1 
_struct_asym.details                       ? 
# 
_struct_ref.id                         1 
_struct_ref.entity_id                  1 
_struct_ref.db_name                    PDB 
_struct_ref.db_code                    1ESH 
_struct_ref.pdbx_db_accession          1ESH 
_struct_ref.pdbx_db_isoform            ? 
_struct_ref.pdbx_seq_one_letter_code   ? 
_struct_ref.pdbx_align_begin           ? 
# 
_struct_ref_seq.align_id                      1 
_struct_ref_seq.ref_id                        1 
_struct_ref_seq.pdbx_PDB_id_code              1ESH 
_struct_ref_seq.pdbx_strand_id                A 
_struct_ref_seq.seq_align_beg                 1 
_struct_ref_seq.pdbx_seq_align_beg_ins_code   ? 
_struct_ref_seq.seq_align_end                 13 
_struct_ref_seq.pdbx_seq_align_end_ins_code   ? 
_struct_ref_seq.pdbx_db_accession             1ESH 
_struct_ref_seq.db_align_beg                  1 
_struct_ref_seq.pdbx_db_align_beg_ins_code    ? 
_struct_ref_seq.db_align_end                  13 
_struct_ref_seq.pdbx_db_align_end_ins_code    ? 
_struct_ref_seq.pdbx_auth_seq_align_beg       1 
_struct_ref_seq.pdbx_auth_seq_align_end       13 
# 
_pdbx_struct_assembly.id                   1 
_pdbx_struct_assembly.details              author_defined_assembly 
_pdbx_struct_assembly.method_details       ? 
_pdbx_struct_assembly.oligomeric_details   monomeric 
_pdbx_struct_assembly.oligomeric_count     1 
# 
_pdbx_struct_assembly_gen.assembly_id       1 
_pdbx_struct_assembly_gen.oper_expression   1 
_pdbx_struct_assembly_gen.asym_id_list      A 
# 
_pdbx_struct_oper_list.id                   1 
_pdbx_struct_oper_list.type                 'identity operation' 
_pdbx_struct_oper_list.name                 1_555 
_pdbx_struct_oper_list.symmetry_operation   x,y,z 
_pdbx_struct_oper_list.matrix[1][1]         1.0000000000 
_pdbx_struct_oper_list.matrix[1][2]         0.0000000000 
_pdbx_struct_oper_list.matrix[1][3]         0.0000000000 
_pdbx_struct_oper_list.vector[1]            0.0000000000 
_pdbx_struct_oper_list.matrix[2][1]         0.0000000000 
_pdbx_struct_oper_list.matrix[2][2]         1.0000000000 
_pdbx_struct_oper_list.matrix[2][3]         0.0000000000 
_pdbx_struct_oper_list.vector[2]            0.0000000000 
_pdbx_struct_oper_list.matrix[3][1]         0.0000000000 
_pdbx_struct_oper_list.matrix[3][2]         0.0000000000 
_pdbx_struct_oper_list.matrix[3][3]         1.0000000000 
_pdbx_struct_oper_list.vector[3]            0.0000000000 
# 
_struct_biol.id   1 
# 
loop_
_struct_conn.id 
_struct_conn.conn_type_id 
_struct_conn.pdbx_leaving_atom_flag 
_struct_conn.pdbx_PDB_id 
_struct_conn.ptnr1_label_asym_id 
_struct_conn.ptnr1_label_comp_id 
_struct_conn.ptnr1_label_seq_id 
_struct_conn.ptnr1_label_atom_id 
_struct_conn.pdbx_ptnr1_label_alt_id 
_struct_conn.pdbx_ptnr1_PDB_ins_code 
_struct_conn.pdbx_ptnr1_standard_comp_id 
_struct_conn.ptnr1_symmetry 
_struct_conn.ptnr2_label_asym_id 
_struct_conn.ptnr2_label_comp_id 
_struct_conn.ptnr2_label_seq_id 
_struct_conn.ptnr2_label_atom_id 
_struct_conn.pdbx_ptnr2_label_alt_id 
_struct_conn.pdbx_ptnr2_PDB_ins_code 
_struct_conn.ptnr1_auth_asym_id 
_struct_conn.ptnr1_auth_comp_id 
_struct_conn.ptnr1_auth_seq_id 
_struct_conn.ptnr2_auth_asym_id 
_struct_conn.ptnr2_auth_comp_id 
_struct_conn.ptnr2_auth_seq_id 
_struct_conn.ptnr2_symmetry 
_struct_conn.pdbx_ptnr3_label_atom_id 
_struct_conn.pdbx_ptnr3_label_seq_id 
_struct_conn.pdbx_ptnr3_label_comp_id 
_struct_conn.pdbx_ptnr3_label_asym_id 
_struct_conn.pdbx_ptnr3_label_alt_id 
_struct_conn.pdbx_ptnr3_PDB_ins_code 
_struct_conn.details 
_struct_conn.pdbx_dist_value 
_struct_conn.pdbx_value_order 
_struct_conn.pdbx_role 
hydrog1  hydrog ? ? A G 1 N1 ? ? ? 1_555 A C 13 N3 ? ? A G 1 A C 13 1_555 ? ? ? ? ? ? WATSON-CRICK  ? ? ? 
hydrog2  hydrog ? ? A G 1 N2 ? ? ? 1_555 A C 13 O2 ? ? A G 1 A C 13 1_555 ? ? ? ? ? ? WATSON-CRICK  ? ? ? 
hydrog3  hydrog ? ? A G 1 O6 ? ? ? 1_555 A C 13 N4 ? ? A G 1 A C 13 1_555 ? ? ? ? ? ? WATSON-CRICK  ? ? ? 
hydrog4  hydrog ? ? A G 2 N1 ? ? ? 1_555 A C 12 N3 ? ? A G 2 A C 12 1_555 ? ? ? ? ? ? WATSON-CRICK  ? ? ? 
hydrog5  hydrog ? ? A G 2 N2 ? ? ? 1_555 A C 12 O2 ? ? A G 2 A C 12 1_555 ? ? ? ? ? ? WATSON-CRICK  ? ? ? 
hydrog6  hydrog ? ? A G 2 O6 ? ? ? 1_555 A C 12 N4 ? ? A G 2 A C 12 1_555 ? ? ? ? ? ? WATSON-CRICK  ? ? ? 
hydrog7  hydrog ? ? A U 3 N3 ? ? ? 1_555 A A 11 N1 ? ? A U 3 A A 11 1_555 ? ? ? ? ? ? WATSON-CRICK  ? ? ? 
hydrog8  hydrog ? ? A U 3 O4 ? ? ? 1_555 A A 11 N6 ? ? A U 3 A A 11 1_555 ? ? ? ? ? ? WATSON-CRICK  ? ? ? 
hydrog9  hydrog ? ? A G 4 O6 ? ? ? 1_555 A G 9  N1 ? ? A G 4 A G 9  1_555 ? ? ? ? ? ? 'G-G MISPAIR' ? ? ? 
hydrog10 hydrog ? ? A G 4 N1 ? ? ? 1_555 A C 10 N3 ? ? A G 4 A C 10 1_555 ? ? ? ? ? ? WATSON-CRICK  ? ? ? 
hydrog11 hydrog ? ? A G 4 N2 ? ? ? 1_555 A C 10 O2 ? ? A G 4 A C 10 1_555 ? ? ? ? ? ? WATSON-CRICK  ? ? ? 
hydrog12 hydrog ? ? A G 4 O6 ? ? ? 1_555 A C 10 N4 ? ? A G 4 A C 10 1_555 ? ? ? ? ? ? WATSON-CRICK  ? ? ? 
hydrog13 hydrog ? ? A C 5 N3 ? ? ? 1_555 A G 9  N1 ? ? A C 5 A G 9  1_555 ? ? ? ? ? ? WATSON-CRICK  ? ? ? 
hydrog14 hydrog ? ? A C 5 N4 ? ? ? 1_555 A G 9  O6 ? ? A C 5 A G 9  1_555 ? ? ? ? ? ? WATSON-CRICK  ? ? ? 
hydrog15 hydrog ? ? A C 5 O2 ? ? ? 1_555 A G 9  N2 ? ? A C 5 A G 9  1_555 ? ? ? ? ? ? WATSON-CRICK  ? ? ? 
hydrog16 hydrog ? ? A A 6 N3 ? ? ? 1_555 A A 8  N6 ? ? A A 6 A A 8  1_555 ? ? ? ? ? ? 'A-A MISPAIR' ? ? ? 
# 
_struct_conn_type.id          hydrog 
_struct_conn_type.criteria    ? 
_struct_conn_type.reference   ? 
# 
_pdbx_validate_close_contact.id               1 
_pdbx_validate_close_contact.PDB_model_num    1 
_pdbx_validate_close_contact.auth_atom_id_1   "HO2'" 
_pdbx_validate_close_contact.auth_asym_id_1   A 
_pdbx_validate_close_contact.auth_comp_id_1   G 
_pdbx_validate_close_contact.auth_seq_id_1    9 
_pdbx_validate_close_contact.PDB_ins_code_1   ? 
_pdbx_validate_close_contact.label_alt_id_1   ? 
_pdbx_validate_close_contact.auth_atom_id_2   OP2 
_pdbx_validate_close_contact.auth_asym_id_2   A 
_pdbx_validate_close_contact.auth_comp_id_2   C 
_pdbx_validate_close_contact.auth_seq_id_2    10 
_pdbx_validate_close_contact.PDB_ins_code_2   ? 
_pdbx_validate_close_contact.label_alt_id_2   ? 
_pdbx_validate_close_contact.dist             1.60 
# 
_pdbx_nmr_ensemble.entry_id                                      1ESH 
_pdbx_nmr_ensemble.conformers_calculated_total_number            22 
_pdbx_nmr_ensemble.conformers_submitted_total_number             1 
_pdbx_nmr_ensemble.conformer_selection_criteria                  'LOWEST ENERGY' 
_pdbx_nmr_ensemble.average_constraints_per_residue               ? 
_pdbx_nmr_ensemble.average_constraint_violations_per_residue     ? 
_pdbx_nmr_ensemble.maximum_distance_constraint_violation         ? 
_pdbx_nmr_ensemble.average_distance_constraint_violation         ? 
_pdbx_nmr_ensemble.maximum_upper_distance_constraint_violation   ? 
_pdbx_nmr_ensemble.maximum_lower_distance_constraint_violation   ? 
_pdbx_nmr_ensemble.distance_constraint_violation_method          ? 
_pdbx_nmr_ensemble.maximum_torsion_angle_constraint_violation    ? 
_pdbx_nmr_ensemble.average_torsion_angle_constraint_violation    ? 
_pdbx_nmr_ensemble.torsion_angle_constraint_violation_method     ? 
# 
_pdbx_nmr_representative.entry_id             1ESH 
_pdbx_nmr_representative.conformer_id         1 
_pdbx_nmr_representative.selection_criteria   'lowest energy' 
# 
_pdbx_nmr_sample_details.solution_id      1 
_pdbx_nmr_sample_details.contents         'RNA IN AQUEOUS SOLUTION' 
_pdbx_nmr_sample_details.solvent_system   ? 
# 
_pdbx_nmr_exptl_sample_conditions.conditions_id       1 
_pdbx_nmr_exptl_sample_conditions.temperature         278 
_pdbx_nmr_exptl_sample_conditions.pressure            1 
_pdbx_nmr_exptl_sample_conditions.pH                  6.5 
_pdbx_nmr_exptl_sample_conditions.ionic_strength      '50mM NACL' 
_pdbx_nmr_exptl_sample_conditions.pressure_units      atm 
_pdbx_nmr_exptl_sample_conditions.temperature_units   K 
# 
loop_
_pdbx_nmr_exptl.experiment_id 
_pdbx_nmr_exptl.conditions_id 
_pdbx_nmr_exptl.type 
_pdbx_nmr_exptl.solution_id 
1 1 H2ONOESY 1 
2 1 D2ONOESY 1 
3 1 HCCH-TO  1 
# 
_pdbx_nmr_details.entry_id   1ESH 
_pdbx_nmr_details.text       'THE SUBMITTED STRUCTURE IS THE AVERAGE AND ENERGY MINIMIZED' 
# 
_pdbx_nmr_refine.entry_id           1ESH 
_pdbx_nmr_refine.method             'RMD WITH SIMULATED ANNEALING' 
_pdbx_nmr_refine.details            ? 
_pdbx_nmr_refine.software_ordinal   1 
# 
loop_
_pdbx_nmr_software.classification 
_pdbx_nmr_software.name 
_pdbx_nmr_software.version 
_pdbx_nmr_software.authors 
_pdbx_nmr_software.ordinal 
refinement           X-PLOR 3.1 A.T.BRUNGER 1 
'structure solution' X-PLOR 3.1 A.T.BRUNGER 2 
# 
loop_
_chem_comp_atom.comp_id 
_chem_comp_atom.atom_id 
_chem_comp_atom.type_symbol 
_chem_comp_atom.pdbx_aromatic_flag 
_chem_comp_atom.pdbx_stereo_config 
_chem_comp_atom.pdbx_ordinal 
A OP3    O N N 1   
A P      P N N 2   
A OP1    O N N 3   
A OP2    O N N 4   
A "O5'"  O N N 5   
A "C5'"  C N N 6   
A "C4'"  C N R 7   
A "O4'"  O N N 8   
A "C3'"  C N S 9   
A "O3'"  O N N 10  
A "C2'"  C N R 11  
A "O2'"  O N N 12  
A "C1'"  C N R 13  
A N9     N Y N 14  
A C8     C Y N 15  
A N7     N Y N 16  
A C5     C Y N 17  
A C6     C Y N 18  
A N6     N N N 19  
A N1     N Y N 20  
A C2     C Y N 21  
A N3     N Y N 22  
A C4     C Y N 23  
A HOP3   H N N 24  
A HOP2   H N N 25  
A "H5'"  H N N 26  
A "H5''" H N N 27  
A "H4'"  H N N 28  
A "H3'"  H N N 29  
A "HO3'" H N N 30  
A "H2'"  H N N 31  
A "HO2'" H N N 32  
A "H1'"  H N N 33  
A H8     H N N 34  
A H61    H N N 35  
A H62    H N N 36  
A H2     H N N 37  
C OP3    O N N 38  
C P      P N N 39  
C OP1    O N N 40  
C OP2    O N N 41  
C "O5'"  O N N 42  
C "C5'"  C N N 43  
C "C4'"  C N R 44  
C "O4'"  O N N 45  
C "C3'"  C N S 46  
C "O3'"  O N N 47  
C "C2'"  C N R 48  
C "O2'"  O N N 49  
C "C1'"  C N R 50  
C N1     N N N 51  
C C2     C N N 52  
C O2     O N N 53  
C N3     N N N 54  
C C4     C N N 55  
C N4     N N N 56  
C C5     C N N 57  
C C6     C N N 58  
C HOP3   H N N 59  
C HOP2   H N N 60  
C "H5'"  H N N 61  
C "H5''" H N N 62  
C "H4'"  H N N 63  
C "H3'"  H N N 64  
C "HO3'" H N N 65  
C "H2'"  H N N 66  
C "HO2'" H N N 67  
C "H1'"  H N N 68  
C H41    H N N 69  
C H42    H N N 70  
C H5     H N N 71  
C H6     H N N 72  
G OP3    O N N 73  
G P      P N N 74  
G OP1    O N N 75  
G OP2    O N N 76  
G "O5'"  O N N 77  
G "C5'"  C N N 78  
G "C4'"  C N R 79  
G "O4'"  O N N 80  
G "C3'"  C N S 81  
G "O3'"  O N N 82  
G "C2'"  C N R 83  
G "O2'"  O N N 84  
G "C1'"  C N R 85  
G N9     N Y N 86  
G C8     C Y N 87  
G N7     N Y N 88  
G C5     C Y N 89  
G C6     C N N 90  
G O6     O N N 91  
G N1     N N N 92  
G C2     C N N 93  
G N2     N N N 94  
G N3     N N N 95  
G C4     C Y N 96  
G HOP3   H N N 97  
G HOP2   H N N 98  
G "H5'"  H N N 99  
G "H5''" H N N 100 
G "H4'"  H N N 101 
G "H3'"  H N N 102 
G "HO3'" H N N 103 
G "H2'"  H N N 104 
G "HO2'" H N N 105 
G "H1'"  H N N 106 
G H8     H N N 107 
G H1     H N N 108 
G H21    H N N 109 
G H22    H N N 110 
U OP3    O N N 111 
U P      P N N 112 
U OP1    O N N 113 
U OP2    O N N 114 
U "O5'"  O N N 115 
U "C5'"  C N N 116 
U "C4'"  C N R 117 
U "O4'"  O N N 118 
U "C3'"  C N S 119 
U "O3'"  O N N 120 
U "C2'"  C N R 121 
U "O2'"  O N N 122 
U "C1'"  C N R 123 
U N1     N N N 124 
U C2     C N N 125 
U O2     O N N 126 
U N3     N N N 127 
U C4     C N N 128 
U O4     O N N 129 
U C5     C N N 130 
U C6     C N N 131 
U HOP3   H N N 132 
U HOP2   H N N 133 
U "H5'"  H N N 134 
U "H5''" H N N 135 
U "H4'"  H N N 136 
U "H3'"  H N N 137 
U "HO3'" H N N 138 
U "H2'"  H N N 139 
U "HO2'" H N N 140 
U "H1'"  H N N 141 
U H3     H N N 142 
U H5     H N N 143 
U H6     H N N 144 
# 
loop_
_chem_comp_bond.comp_id 
_chem_comp_bond.atom_id_1 
_chem_comp_bond.atom_id_2 
_chem_comp_bond.value_order 
_chem_comp_bond.pdbx_aromatic_flag 
_chem_comp_bond.pdbx_stereo_config 
_chem_comp_bond.pdbx_ordinal 
A OP3   P      sing N N 1   
A OP3   HOP3   sing N N 2   
A P     OP1    doub N N 3   
A P     OP2    sing N N 4   
A P     "O5'"  sing N N 5   
A OP2   HOP2   sing N N 6   
A "O5'" "C5'"  sing N N 7   
A "C5'" "C4'"  sing N N 8   
A "C5'" "H5'"  sing N N 9   
A "C5'" "H5''" sing N N 10  
A "C4'" "O4'"  sing N N 11  
A "C4'" "C3'"  sing N N 12  
A "C4'" "H4'"  sing N N 13  
A "O4'" "C1'"  sing N N 14  
A "C3'" "O3'"  sing N N 15  
A "C3'" "C2'"  sing N N 16  
A "C3'" "H3'"  sing N N 17  
A "O3'" "HO3'" sing N N 18  
A "C2'" "O2'"  sing N N 19  
A "C2'" "C1'"  sing N N 20  
A "C2'" "H2'"  sing N N 21  
A "O2'" "HO2'" sing N N 22  
A "C1'" N9     sing N N 23  
A "C1'" "H1'"  sing N N 24  
A N9    C8     sing Y N 25  
A N9    C4     sing Y N 26  
A C8    N7     doub Y N 27  
A C8    H8     sing N N 28  
A N7    C5     sing Y N 29  
A C5    C6     sing Y N 30  
A C5    C4     doub Y N 31  
A C6    N6     sing N N 32  
A C6    N1     doub Y N 33  
A N6    H61    sing N N 34  
A N6    H62    sing N N 35  
A N1    C2     sing Y N 36  
A C2    N3     doub Y N 37  
A C2    H2     sing N N 38  
A N3    C4     sing Y N 39  
C OP3   P      sing N N 40  
C OP3   HOP3   sing N N 41  
C P     OP1    doub N N 42  
C P     OP2    sing N N 43  
C P     "O5'"  sing N N 44  
C OP2   HOP2   sing N N 45  
C "O5'" "C5'"  sing N N 46  
C "C5'" "C4'"  sing N N 47  
C "C5'" "H5'"  sing N N 48  
C "C5'" "H5''" sing N N 49  
C "C4'" "O4'"  sing N N 50  
C "C4'" "C3'"  sing N N 51  
C "C4'" "H4'"  sing N N 52  
C "O4'" "C1'"  sing N N 53  
C "C3'" "O3'"  sing N N 54  
C "C3'" "C2'"  sing N N 55  
C "C3'" "H3'"  sing N N 56  
C "O3'" "HO3'" sing N N 57  
C "C2'" "O2'"  sing N N 58  
C "C2'" "C1'"  sing N N 59  
C "C2'" "H2'"  sing N N 60  
C "O2'" "HO2'" sing N N 61  
C "C1'" N1     sing N N 62  
C "C1'" "H1'"  sing N N 63  
C N1    C2     sing N N 64  
C N1    C6     sing N N 65  
C C2    O2     doub N N 66  
C C2    N3     sing N N 67  
C N3    C4     doub N N 68  
C C4    N4     sing N N 69  
C C4    C5     sing N N 70  
C N4    H41    sing N N 71  
C N4    H42    sing N N 72  
C C5    C6     doub N N 73  
C C5    H5     sing N N 74  
C C6    H6     sing N N 75  
G OP3   P      sing N N 76  
G OP3   HOP3   sing N N 77  
G P     OP1    doub N N 78  
G P     OP2    sing N N 79  
G P     "O5'"  sing N N 80  
G OP2   HOP2   sing N N 81  
G "O5'" "C5'"  sing N N 82  
G "C5'" "C4'"  sing N N 83  
G "C5'" "H5'"  sing N N 84  
G "C5'" "H5''" sing N N 85  
G "C4'" "O4'"  sing N N 86  
G "C4'" "C3'"  sing N N 87  
G "C4'" "H4'"  sing N N 88  
G "O4'" "C1'"  sing N N 89  
G "C3'" "O3'"  sing N N 90  
G "C3'" "C2'"  sing N N 91  
G "C3'" "H3'"  sing N N 92  
G "O3'" "HO3'" sing N N 93  
G "C2'" "O2'"  sing N N 94  
G "C2'" "C1'"  sing N N 95  
G "C2'" "H2'"  sing N N 96  
G "O2'" "HO2'" sing N N 97  
G "C1'" N9     sing N N 98  
G "C1'" "H1'"  sing N N 99  
G N9    C8     sing Y N 100 
G N9    C4     sing Y N 101 
G C8    N7     doub Y N 102 
G C8    H8     sing N N 103 
G N7    C5     sing Y N 104 
G C5    C6     sing N N 105 
G C5    C4     doub Y N 106 
G C6    O6     doub N N 107 
G C6    N1     sing N N 108 
G N1    C2     sing N N 109 
G N1    H1     sing N N 110 
G C2    N2     sing N N 111 
G C2    N3     doub N N 112 
G N2    H21    sing N N 113 
G N2    H22    sing N N 114 
G N3    C4     sing N N 115 
U OP3   P      sing N N 116 
U OP3   HOP3   sing N N 117 
U P     OP1    doub N N 118 
U P     OP2    sing N N 119 
U P     "O5'"  sing N N 120 
U OP2   HOP2   sing N N 121 
U "O5'" "C5'"  sing N N 122 
U "C5'" "C4'"  sing N N 123 
U "C5'" "H5'"  sing N N 124 
U "C5'" "H5''" sing N N 125 
U "C4'" "O4'"  sing N N 126 
U "C4'" "C3'"  sing N N 127 
U "C4'" "H4'"  sing N N 128 
U "O4'" "C1'"  sing N N 129 
U "C3'" "O3'"  sing N N 130 
U "C3'" "C2'"  sing N N 131 
U "C3'" "H3'"  sing N N 132 
U "O3'" "HO3'" sing N N 133 
U "C2'" "O2'"  sing N N 134 
U "C2'" "C1'"  sing N N 135 
U "C2'" "H2'"  sing N N 136 
U "O2'" "HO2'" sing N N 137 
U "C1'" N1     sing N N 138 
U "C1'" "H1'"  sing N N 139 
U N1    C2     sing N N 140 
U N1    C6     sing N N 141 
U C2    O2     doub N N 142 
U C2    N3     sing N N 143 
U N3    C4     sing N N 144 
U N3    H3     sing N N 145 
U C4    O4     doub N N 146 
U C4    C5     sing N N 147 
U C5    C6     doub N N 148 
U C5    H5     sing N N 149 
U C6    H6     sing N N 150 
# 
loop_
_ndb_struct_conf_na.entry_id 
_ndb_struct_conf_na.feature 
1ESH 'double helix'         
1ESH 'a-form double helix'  
1ESH 'hairpin loop'         
1ESH 'mismatched base pair' 
# 
loop_
_ndb_struct_na_base_pair.model_number 
_ndb_struct_na_base_pair.i_label_asym_id 
_ndb_struct_na_base_pair.i_label_comp_id 
_ndb_struct_na_base_pair.i_label_seq_id 
_ndb_struct_na_base_pair.i_symmetry 
_ndb_struct_na_base_pair.j_label_asym_id 
_ndb_struct_na_base_pair.j_label_comp_id 
_ndb_struct_na_base_pair.j_label_seq_id 
_ndb_struct_na_base_pair.j_symmetry 
_ndb_struct_na_base_pair.shear 
_ndb_struct_na_base_pair.stretch 
_ndb_struct_na_base_pair.stagger 
_ndb_struct_na_base_pair.buckle 
_ndb_struct_na_base_pair.propeller 
_ndb_struct_na_base_pair.opening 
_ndb_struct_na_base_pair.pair_number 
_ndb_struct_na_base_pair.pair_name 
_ndb_struct_na_base_pair.i_auth_asym_id 
_ndb_struct_na_base_pair.i_auth_seq_id 
_ndb_struct_na_base_pair.i_PDB_ins_code 
_ndb_struct_na_base_pair.j_auth_asym_id 
_ndb_struct_na_base_pair.j_auth_seq_id 
_ndb_struct_na_base_pair.j_PDB_ins_code 
_ndb_struct_na_base_pair.hbond_type_28 
_ndb_struct_na_base_pair.hbond_type_12 
1 A G 1 1_555 A C 13 1_555 -0.151 -0.175 -0.599 -13.149 -0.376  -4.428 1 A_G1:C13_A A 1 ? A 13 ? 19 1 
1 A G 2 1_555 A C 12 1_555 -0.041 -0.242 -0.072 -1.591  -23.186 -5.159 2 A_G2:C12_A A 2 ? A 12 ? 19 1 
1 A U 3 1_555 A A 11 1_555 -0.164 -0.137 -0.256 9.275   -30.218 -2.850 3 A_U3:A11_A A 3 ? A 11 ? 20 1 
1 A G 4 1_555 A C 10 1_555 -0.048 -0.293 0.153  -7.385  -31.796 -6.834 4 A_G4:C10_A A 4 ? A 10 ? 19 1 
1 A C 5 1_555 A G 9  1_555 0.283  -0.479 1.293  -14.563 12.215  0.812  5 A_C5:G9_A  A 5 ? A 9  ? 19 1 
1 A A 6 1_555 A A 8  1_555 6.073  -1.317 -0.893 11.966  43.674  55.585 6 A_A6:A8_A  A 6 ? A 8  ? ?  5 
# 
loop_
_ndb_struct_na_base_pair_step.model_number 
_ndb_struct_na_base_pair_step.i_label_asym_id_1 
_ndb_struct_na_base_pair_step.i_label_comp_id_1 
_ndb_struct_na_base_pair_step.i_label_seq_id_1 
_ndb_struct_na_base_pair_step.i_symmetry_1 
_ndb_struct_na_base_pair_step.j_label_asym_id_1 
_ndb_struct_na_base_pair_step.j_label_comp_id_1 
_ndb_struct_na_base_pair_step.j_label_seq_id_1 
_ndb_struct_na_base_pair_step.j_symmetry_1 
_ndb_struct_na_base_pair_step.i_label_asym_id_2 
_ndb_struct_na_base_pair_step.i_label_comp_id_2 
_ndb_struct_na_base_pair_step.i_label_seq_id_2 
_ndb_struct_na_base_pair_step.i_symmetry_2 
_ndb_struct_na_base_pair_step.j_label_asym_id_2 
_ndb_struct_na_base_pair_step.j_label_comp_id_2 
_ndb_struct_na_base_pair_step.j_label_seq_id_2 
_ndb_struct_na_base_pair_step.j_symmetry_2 
_ndb_struct_na_base_pair_step.shift 
_ndb_struct_na_base_pair_step.slide 
_ndb_struct_na_base_pair_step.rise 
_ndb_struct_na_base_pair_step.tilt 
_ndb_struct_na_base_pair_step.roll 
_ndb_struct_na_base_pair_step.twist 
_ndb_struct_na_base_pair_step.x_displacement 
_ndb_struct_na_base_pair_step.y_displacement 
_ndb_struct_na_base_pair_step.helical_rise 
_ndb_struct_na_base_pair_step.inclination 
_ndb_struct_na_base_pair_step.tip 
_ndb_struct_na_base_pair_step.helical_twist 
_ndb_struct_na_base_pair_step.step_number 
_ndb_struct_na_base_pair_step.step_name 
_ndb_struct_na_base_pair_step.i_auth_asym_id_1 
_ndb_struct_na_base_pair_step.i_auth_seq_id_1 
_ndb_struct_na_base_pair_step.i_PDB_ins_code_1 
_ndb_struct_na_base_pair_step.j_auth_asym_id_1 
_ndb_struct_na_base_pair_step.j_auth_seq_id_1 
_ndb_struct_na_base_pair_step.j_PDB_ins_code_1 
_ndb_struct_na_base_pair_step.i_auth_asym_id_2 
_ndb_struct_na_base_pair_step.i_auth_seq_id_2 
_ndb_struct_na_base_pair_step.i_PDB_ins_code_2 
_ndb_struct_na_base_pair_step.j_auth_asym_id_2 
_ndb_struct_na_base_pair_step.j_auth_seq_id_2 
_ndb_struct_na_base_pair_step.j_PDB_ins_code_2 
1 A G 1 1_555 A C 13 1_555 A G 2 1_555 A C 12 1_555 -1.336 -1.142 3.186 -0.795 -5.678 32.821 -1.038 2.197  3.362 -9.955 1.394  
33.304 1 AA_G1G2:C12C13_AA A 1 ? A 13 ? A 2 ? A 12 ? 
1 A G 2 1_555 A C 12 1_555 A U 3 1_555 A A 11 1_555 1.083  -0.827 2.957 2.734  0.190  34.576 -1.414 -1.433 3.026 0.319  -4.591 
34.681 2 AA_G2U3:A11C12_AA A 2 ? A 12 ? A 3 ? A 11 ? 
1 A U 3 1_555 A A 11 1_555 A G 4 1_555 A C 10 1_555 -1.266 -0.860 3.679 -1.763 15.641 34.955 -3.449 1.692  3.090 24.558 2.768  
38.234 3 AA_U3G4:C10A11_AA A 3 ? A 11 ? A 4 ? A 10 ? 
1 A G 4 1_555 A C 10 1_555 A C 5 1_555 A G 9  1_555 2.209  -0.725 3.220 -4.685 1.686  37.625 -1.317 -3.960 2.900 2.600  7.225  
37.942 4 AA_G4C5:G9C10_AA  A 4 ? A 10 ? A 5 ? A 9  ? 
1 A C 5 1_555 A G 9  1_555 A A 6 1_555 A A 8  1_555 3.448  1.576  2.380 -7.617 1.777  41.429 2.075  -5.304 1.810 2.485  10.653 
42.129 5 AA_C5A6:A8G9_AA   A 5 ? A 9  ? A 6 ? A 8  ? 
# 
loop_
_pdbx_nmr_spectrometer.spectrometer_id 
_pdbx_nmr_spectrometer.model 
_pdbx_nmr_spectrometer.manufacturer 
_pdbx_nmr_spectrometer.field_strength 
_pdbx_nmr_spectrometer.type 
1 DRX Bruker 500 ? 
2 AMX Bruker 600 ? 
# 
_atom_sites.entry_id                    1ESH 
_atom_sites.fract_transf_matrix[1][1]   1.000000 
_atom_sites.fract_transf_matrix[1][2]   0.000000 
_atom_sites.fract_transf_matrix[1][3]   0.000000 
_atom_sites.fract_transf_matrix[2][1]   0.000000 
_atom_sites.fract_transf_matrix[2][2]   1.000000 
_atom_sites.fract_transf_matrix[2][3]   0.000000 
_atom_sites.fract_transf_matrix[3][1]   0.000000 
_atom_sites.fract_transf_matrix[3][2]   0.000000 
_atom_sites.fract_transf_matrix[3][3]   1.000000 
_atom_sites.fract_transf_vector[1]      0.00000 
_atom_sites.fract_transf_vector[2]      0.00000 
_atom_sites.fract_transf_vector[3]      0.00000 
# 
loop_
_atom_type.symbol 
C 
H 
N 
O 
P 
# 
loop_
_atom_site.group_PDB 
_atom_site.id 
_atom_site.type_symbol 
_atom_site.label_atom_id 
_atom_site.label_alt_id 
_atom_site.label_comp_id 
_atom_site.label_asym_id 
_atom_site.label_entity_id 
_atom_site.label_seq_id 
_atom_site.pdbx_PDB_ins_code 
_atom_site.Cartn_x 
_atom_site.Cartn_y 
_atom_site.Cartn_z 
_atom_site.occupancy 
_atom_site.B_iso_or_equiv 
_atom_site.pdbx_formal_charge 
_atom_site.auth_seq_id 
_atom_site.auth_comp_id 
_atom_site.auth_asym_id 
_atom_site.auth_atom_id 
_atom_site.pdbx_PDB_model_num 
ATOM 1   O "O5'"  . G A 1 1  ? 5.212   7.518   9.014  1.00 1.62 ? 1  G A "O5'"  1 
ATOM 2   C "C5'"  . G A 1 1  ? 4.976   8.928   8.972  1.00 1.55 ? 1  G A "C5'"  1 
ATOM 3   C "C4'"  . G A 1 1  ? 4.661   9.402   7.558  1.00 1.36 ? 1  G A "C4'"  1 
ATOM 4   O "O4'"  . G A 1 1  ? 5.819   9.253   6.743  1.00 1.37 ? 1  G A "O4'"  1 
ATOM 5   C "C3'"  . G A 1 1  ? 3.605   8.589   6.833  1.00 1.21 ? 1  G A "C3'"  1 
ATOM 6   O "O3'"  . G A 1 1  ? 2.348   9.230   7.067  1.00 1.06 ? 1  G A "O3'"  1 
ATOM 7   C "C2'"  . G A 1 1  ? 3.938   8.790   5.358  1.00 1.14 ? 1  G A "C2'"  1 
ATOM 8   O "O2'"  . G A 1 1  ? 3.227   9.916   4.837  1.00 1.22 ? 1  G A "O2'"  1 
ATOM 9   C "C1'"  . G A 1 1  ? 5.446   9.071   5.371  1.00 1.23 ? 1  G A "C1'"  1 
ATOM 10  N N9     . G A 1 1  ? 6.223   7.946   4.818  1.00 1.17 ? 1  G A N9     1 
ATOM 11  C C8     . G A 1 1  ? 7.054   7.076   5.475  1.00 1.31 ? 1  G A C8     1 
ATOM 12  N N7     . G A 1 1  ? 7.596   6.181   4.697  1.00 1.23 ? 1  G A N7     1 
ATOM 13  C C5     . G A 1 1  ? 7.091   6.480   3.437  1.00 1.02 ? 1  G A C5     1 
ATOM 14  C C6     . G A 1 1  ? 7.327   5.846   2.187  1.00 0.88 ? 1  G A C6     1 
ATOM 15  O O6     . G A 1 1  ? 8.043   4.876   1.946  1.00 0.92 ? 1  G A O6     1 
ATOM 16  N N1     . G A 1 1  ? 6.623   6.459   1.162  1.00 0.71 ? 1  G A N1     1 
ATOM 17  C C2     . G A 1 1  ? 5.792   7.547   1.316  1.00 0.69 ? 1  G A C2     1 
ATOM 18  N N2     . G A 1 1  ? 5.190   8.006   0.218  1.00 0.59 ? 1  G A N2     1 
ATOM 19  N N3     . G A 1 1  ? 5.564   8.150   2.485  1.00 0.83 ? 1  G A N3     1 
ATOM 20  C C4     . G A 1 1  ? 6.246   7.562   3.500  1.00 0.98 ? 1  G A C4     1 
ATOM 21  H "H5'"  . G A 1 1  ? 5.864   9.447   9.332  1.00 1.67 ? 1  G A "H5'"  1 
ATOM 22  H "H5''" . G A 1 1  ? 4.136   9.166   9.623  1.00 1.57 ? 1  G A "H5''" 1 
ATOM 23  H "H4'"  . G A 1 1  ? 4.379   10.455  7.590  1.00 1.37 ? 1  G A "H4'"  1 
ATOM 24  H "H3'"  . G A 1 1  ? 3.587   7.541   7.132  1.00 1.34 ? 1  G A "H3'"  1 
ATOM 25  H "H2'"  . G A 1 1  ? 3.719   7.890   4.786  1.00 1.10 ? 1  G A "H2'"  1 
ATOM 26  H "HO2'" . G A 1 1  ? 2.591   9.582   4.200  1.00 1.02 ? 1  G A "HO2'" 1 
ATOM 27  H "H1'"  . G A 1 1  ? 5.678   9.977   4.811  1.00 1.29 ? 1  G A "H1'"  1 
ATOM 28  H H8     . G A 1 1  ? 7.239   7.125   6.547  1.00 1.48 ? 1  G A H8     1 
ATOM 29  H H1     . G A 1 1  ? 6.731   6.073   0.236  1.00 0.64 ? 1  G A H1     1 
ATOM 30  H H21    . G A 1 1  ? 5.348   7.554   -0.671 1.00 0.54 ? 1  G A H21    1 
ATOM 31  H H22    . G A 1 1  ? 4.578   8.807   0.276  1.00 0.60 ? 1  G A H22    1 
ATOM 32  H "HO5'" . G A 1 1  ? 5.936   7.332   8.411  1.00 1.89 ? 1  G A "HO5'" 1 
ATOM 33  P P      . G A 1 2  ? 0.973   8.525   6.613  1.00 1.01 ? 2  G A P      1 
ATOM 34  O OP1    . G A 1 2  ? -0.151  9.252   7.249  1.00 1.02 ? 2  G A OP1    1 
ATOM 35  O OP2    . G A 1 2  ? 1.112   7.065   6.810  1.00 1.21 ? 2  G A OP2    1 
ATOM 36  O "O5'"  . G A 1 2  ? 0.930   8.818   5.029  1.00 0.80 ? 2  G A "O5'"  1 
ATOM 37  C "C5'"  . G A 1 2  ? 0.303   10.001  4.527  1.00 0.74 ? 2  G A "C5'"  1 
ATOM 38  C "C4'"  . G A 1 2  ? 0.205   9.986   3.005  1.00 0.63 ? 2  G A "C4'"  1 
ATOM 39  O "O4'"  . G A 1 2  ? 1.482   9.648   2.450  1.00 0.57 ? 2  G A "O4'"  1 
ATOM 40  C "C3'"  . G A 1 2  ? -0.730  8.936   2.431  1.00 0.61 ? 2  G A "C3'"  1 
ATOM 41  O "O3'"  . G A 1 2  ? -2.020  9.539   2.291  1.00 0.67 ? 2  G A "O3'"  1 
ATOM 42  C "C2'"  . G A 1 2  ? -0.179  8.729   1.031  1.00 0.53 ? 2  G A "C2'"  1 
ATOM 43  O "O2'"  . G A 1 2  ? -0.623  9.770   0.156  1.00 0.56 ? 2  G A "O2'"  1 
ATOM 44  C "C1'"  . G A 1 2  ? 1.326   8.835   1.272  1.00 0.49 ? 2  G A "C1'"  1 
ATOM 45  N N9     . G A 1 2  ? 1.944   7.518   1.518  1.00 0.46 ? 2  G A N9     1 
ATOM 46  C C8     . G A 1 2  ? 2.108   6.858   2.709  1.00 0.55 ? 2  G A C8     1 
ATOM 47  N N7     . G A 1 2  ? 2.700   5.703   2.590  1.00 0.49 ? 2  G A N7     1 
ATOM 48  C C5     . G A 1 2  ? 2.944   5.587   1.226  1.00 0.36 ? 2  G A C5     1 
ATOM 49  C C6     . G A 1 2  ? 3.567   4.538   0.497  1.00 0.29 ? 2  G A C6     1 
ATOM 50  O O6     . G A 1 2  ? 4.033   3.484   0.925  1.00 0.31 ? 2  G A O6     1 
ATOM 51  N N1     . G A 1 2  ? 3.615   4.816   -0.861 1.00 0.26 ? 2  G A N1     1 
ATOM 52  C C2     . G A 1 2  ? 3.126   5.959   -1.450 1.00 0.27 ? 2  G A C2     1 
ATOM 53  N N2     . G A 1 2  ? 3.249   6.059   -2.774 1.00 0.34 ? 2  G A N2     1 
ATOM 54  N N3     . G A 1 2  ? 2.539   6.953   -0.774 1.00 0.29 ? 2  G A N3     1 
ATOM 55  C C4     . G A 1 2  ? 2.485   6.697   0.557  1.00 0.34 ? 2  G A C4     1 
ATOM 56  H "H5'"  . G A 1 2  ? 0.885   10.870  4.836  1.00 0.76 ? 2  G A "H5'"  1 
ATOM 57  H "H5''" . G A 1 2  ? -0.700  10.079  4.947  1.00 0.79 ? 2  G A "H5''" 1 
ATOM 58  H "H4'"  . G A 1 2  ? -0.078  10.981  2.659  1.00 0.64 ? 2  G A "H4'"  1 
ATOM 59  H "H3'"  . G A 1 2  ? -0.771  8.021   3.022  1.00 0.64 ? 2  G A "H3'"  1 
ATOM 60  H "H2'"  . G A 1 2  ? -0.445  7.747   0.644  1.00 0.52 ? 2  G A "H2'"  1 
ATOM 61  H "HO2'" . G A 1 2  ? -0.845  9.361   -0.683 1.00 0.82 ? 2  G A "HO2'" 1 
ATOM 62  H "H1'"  . G A 1 2  ? 1.824   9.318   0.431  1.00 0.46 ? 2  G A "H1'"  1 
ATOM 63  H H8     . G A 1 2  ? 1.769   7.260   3.664  1.00 0.66 ? 2  G A H8     1 
ATOM 64  H H1     . G A 1 2  ? 4.042   4.122   -1.457 1.00 0.30 ? 2  G A H1     1 
ATOM 65  H H21    . G A 1 2  ? 3.619   5.284   -3.307 1.00 0.40 ? 2  G A H21    1 
ATOM 66  H H22    . G A 1 2  ? 2.972   6.908   -3.244 1.00 0.37 ? 2  G A H22    1 
ATOM 67  P P      . U A 1 3  ? -3.342  8.624   2.187  1.00 0.75 ? 3  U A P      1 
ATOM 68  O OP1    . U A 1 3  ? -4.491  9.505   1.877  1.00 0.81 ? 3  U A OP1    1 
ATOM 69  O OP2    . U A 1 3  ? -3.388  7.742   3.374  1.00 0.87 ? 3  U A OP2    1 
ATOM 70  O "O5'"  . U A 1 3  ? -3.042  7.712   0.894  1.00 0.64 ? 3  U A "O5'"  1 
ATOM 71  C "C5'"  . U A 1 3  ? -3.500  8.120   -0.399 1.00 0.57 ? 3  U A "C5'"  1 
ATOM 72  C "C4'"  . U A 1 3  ? -2.724  7.424   -1.519 1.00 0.54 ? 3  U A "C4'"  1 
ATOM 73  O "O4'"  . U A 1 3  ? -1.398  7.139   -1.073 1.00 0.52 ? 3  U A "O4'"  1 
ATOM 74  C "C3'"  . U A 1 3  ? -3.253  6.062   -1.922 1.00 0.59 ? 3  U A "C3'"  1 
ATOM 75  O "O3'"  . U A 1 3  ? -4.229  6.269   -2.946 1.00 0.63 ? 3  U A "O3'"  1 
ATOM 76  C "C2'"  . U A 1 3  ? -2.040  5.421   -2.579 1.00 0.58 ? 3  U A "C2'"  1 
ATOM 77  O "O2'"  . U A 1 3  ? -1.913  5.861   -3.935 1.00 0.59 ? 3  U A "O2'"  1 
ATOM 78  C "C1'"  . U A 1 3  ? -0.890  5.963   -1.731 1.00 0.53 ? 3  U A "C1'"  1 
ATOM 79  N N1     . U A 1 3  ? -0.450  4.988   -0.704 1.00 0.54 ? 3  U A N1     1 
ATOM 80  C C2     . U A 1 3  ? 0.485   4.037   -1.079 1.00 0.50 ? 3  U A C2     1 
ATOM 81  O O2     . U A 1 3  ? 0.945   3.979   -2.217 1.00 0.51 ? 3  U A O2     1 
ATOM 82  N N3     . U A 1 3  ? 0.871   3.146   -0.097 1.00 0.51 ? 3  U A N3     1 
ATOM 83  C C4     . U A 1 3  ? 0.415   3.122   1.206  1.00 0.59 ? 3  U A C4     1 
ATOM 84  O O4     . U A 1 3  ? 0.843   2.278   1.992  1.00 0.61 ? 3  U A O4     1 
ATOM 85  C C5     . U A 1 3  ? -0.558  4.144   1.523  1.00 0.68 ? 3  U A C5     1 
ATOM 86  C C6     . U A 1 3  ? -0.952  5.029   0.572  1.00 0.65 ? 3  U A C6     1 
ATOM 87  H "H5'"  . U A 1 3  ? -3.377  9.200   -0.492 1.00 0.55 ? 3  U A "H5'"  1 
ATOM 88  H "H5''" . U A 1 3  ? -4.558  7.874   -0.493 1.00 0.61 ? 3  U A "H5''" 1 
ATOM 89  H "H4'"  . U A 1 3  ? -2.674  8.086   -2.386 1.00 0.53 ? 3  U A "H4'"  1 
ATOM 90  H "H3'"  . U A 1 3  ? -3.650  5.485   -1.088 1.00 0.63 ? 3  U A "H3'"  1 
ATOM 91  H "H2'"  . U A 1 3  ? -2.087  4.338   -2.520 1.00 0.63 ? 3  U A "H2'"  1 
ATOM 92  H "HO2'" . U A 1 3  ? -2.392  5.236   -4.483 1.00 0.73 ? 3  U A "HO2'" 1 
ATOM 93  H "H1'"  . U A 1 3  ? -0.045  6.240   -2.360 1.00 0.51 ? 3  U A "H1'"  1 
ATOM 94  H H3     . U A 1 3  ? 1.551   2.446   -0.355 1.00 0.50 ? 3  U A H3     1 
ATOM 95  H H5     . U A 1 3  ? -0.976  4.204   2.528  1.00 0.80 ? 3  U A H5     1 
ATOM 96  H H6     . U A 1 3  ? -1.693  5.786   0.828  1.00 0.73 ? 3  U A H6     1 
ATOM 97  P P      . G A 1 4  ? -5.473  5.257   -3.102 1.00 0.59 ? 4  G A P      1 
ATOM 98  O OP1    . G A 1 4  ? -6.490  5.904   -3.961 1.00 0.65 ? 4  G A OP1    1 
ATOM 99  O OP2    . G A 1 4  ? -5.846  4.772   -1.754 1.00 0.63 ? 4  G A OP2    1 
ATOM 100 O "O5'"  . G A 1 4  ? -4.829  4.029   -3.921 1.00 0.55 ? 4  G A "O5'"  1 
ATOM 101 C "C5'"  . G A 1 4  ? -4.768  4.062   -5.349 1.00 0.59 ? 4  G A "C5'"  1 
ATOM 102 C "C4'"  . G A 1 4  ? -4.076  2.826   -5.916 1.00 0.56 ? 4  G A "C4'"  1 
ATOM 103 O "O4'"  . G A 1 4  ? -2.797  2.673   -5.291 1.00 0.57 ? 4  G A "O4'"  1 
ATOM 104 C "C3'"  . G A 1 4  ? -4.783  1.511   -5.639 1.00 0.47 ? 4  G A "C3'"  1 
ATOM 105 O "O3'"  . G A 1 4  ? -5.639  1.247   -6.753 1.00 0.54 ? 4  G A "O3'"  1 
ATOM 106 C "C2'"  . G A 1 4  ? -3.652  0.497   -5.696 1.00 0.49 ? 4  G A "C2'"  1 
ATOM 107 O "O2'"  . G A 1 4  ? -3.362  0.144   -7.052 1.00 0.62 ? 4  G A "O2'"  1 
ATOM 108 C "C1'"  . G A 1 4  ? -2.490  1.283   -5.087 1.00 0.51 ? 4  G A "C1'"  1 
ATOM 109 N N9     . G A 1 4  ? -2.345  1.037   -3.639 1.00 0.42 ? 4  G A N9     1 
ATOM 110 C C8     . G A 1 4  ? -2.893  1.735   -2.594 1.00 0.40 ? 4  G A C8     1 
ATOM 111 N N7     . G A 1 4  ? -2.560  1.270   -1.422 1.00 0.39 ? 4  G A N7     1 
ATOM 112 C C5     . G A 1 4  ? -1.736  0.188   -1.711 1.00 0.36 ? 4  G A C5     1 
ATOM 113 C C6     . G A 1 4  ? -1.070  -0.712  -0.835 1.00 0.36 ? 4  G A C6     1 
ATOM 114 O O6     . G A 1 4  ? -1.079  -0.726  0.394  1.00 0.40 ? 4  G A O6     1 
ATOM 115 N N1     . G A 1 4  ? -0.342  -1.660  -1.534 1.00 0.34 ? 4  G A N1     1 
ATOM 116 C C2     . G A 1 4  ? -0.260  -1.742  -2.906 1.00 0.37 ? 4  G A C2     1 
ATOM 117 N N2     . G A 1 4  ? 0.478   -2.731  -3.413 1.00 0.40 ? 4  G A N2     1 
ATOM 118 N N3     . G A 1 4  ? -0.880  -0.901  -3.738 1.00 0.40 ? 4  G A N3     1 
ATOM 119 C C4     . G A 1 4  ? -1.598  0.035   -3.070 1.00 0.38 ? 4  G A C4     1 
ATOM 120 H "H5'"  . G A 1 4  ? -4.217  4.951   -5.658 1.00 0.68 ? 4  G A "H5'"  1 
ATOM 121 H "H5''" . G A 1 4  ? -5.782  4.117   -5.747 1.00 0.58 ? 4  G A "H5''" 1 
ATOM 122 H "H4'"  . G A 1 4  ? -3.932  2.964   -6.987 1.00 0.65 ? 4  G A "H4'"  1 
ATOM 123 H "H3'"  . G A 1 4  ? -5.327  1.502   -4.695 1.00 0.39 ? 4  G A "H3'"  1 
ATOM 124 H "H2'"  . G A 1 4  ? -3.882  -0.384  -5.100 1.00 0.43 ? 4  G A "H2'"  1 
ATOM 125 H "HO2'" . G A 1 4  ? -4.179  0.225   -7.548 1.00 0.95 ? 4  G A "HO2'" 1 
ATOM 126 H "H1'"  . G A 1 4  ? -1.552  1.044   -5.589 1.00 0.59 ? 4  G A "H1'"  1 
ATOM 127 H H8     . G A 1 4  ? -3.550  2.592   -2.730 1.00 0.43 ? 4  G A H8     1 
ATOM 128 H H1     . G A 1 4  ? 0.169   -2.339  -0.989 1.00 0.35 ? 4  G A H1     1 
ATOM 129 H H21    . G A 1 4  ? 0.888   -3.423  -2.801 1.00 0.37 ? 4  G A H21    1 
ATOM 130 H H22    . G A 1 4  ? 0.623   -2.792  -4.411 1.00 0.47 ? 4  G A H22    1 
ATOM 131 P P      . C A 1 5  ? -7.015  0.432   -6.555 1.00 0.53 ? 5  C A P      1 
ATOM 132 O OP1    . C A 1 5  ? -7.480  -0.020  -7.886 1.00 0.68 ? 5  C A OP1    1 
ATOM 133 O OP2    . C A 1 5  ? -7.909  1.237   -5.694 1.00 0.43 ? 5  C A OP2    1 
ATOM 134 O "O5'"  . C A 1 5  ? -6.543  -0.862  -5.721 1.00 0.52 ? 5  C A "O5'"  1 
ATOM 135 C "C5'"  . C A 1 5  ? -6.099  -2.039  -6.400 1.00 0.61 ? 5  C A "C5'"  1 
ATOM 136 C "C4'"  . C A 1 5  ? -5.292  -2.951  -5.477 1.00 0.55 ? 5  C A "C4'"  1 
ATOM 137 O "O4'"  . C A 1 5  ? -4.575  -2.161  -4.540 1.00 0.46 ? 5  C A "O4'"  1 
ATOM 138 C "C3'"  . C A 1 5  ? -6.116  -3.861  -4.589 1.00 0.52 ? 5  C A "C3'"  1 
ATOM 139 O "O3'"  . C A 1 5  ? -6.326  -5.082  -5.302 1.00 0.65 ? 5  C A "O3'"  1 
ATOM 140 C "C2'"  . C A 1 5  ? -5.178  -4.174  -3.425 1.00 0.43 ? 5  C A "C2'"  1 
ATOM 141 O "O2'"  . C A 1 5  ? -4.450  -5.377  -3.682 1.00 0.51 ? 5  C A "O2'"  1 
ATOM 142 C "C1'"  . C A 1 5  ? -4.227  -2.967  -3.408 1.00 0.36 ? 5  C A "C1'"  1 
ATOM 143 N N1     . C A 1 5  ? -4.357  -2.165  -2.174 1.00 0.25 ? 5  C A N1     1 
ATOM 144 C C2     . C A 1 5  ? -3.956  -2.757  -0.987 1.00 0.21 ? 5  C A C2     1 
ATOM 145 O O2     . C A 1 5  ? -3.538  -3.913  -0.983 1.00 0.24 ? 5  C A O2     1 
ATOM 146 N N3     . C A 1 5  ? -4.034  -2.034  0.165  1.00 0.24 ? 5  C A N3     1 
ATOM 147 C C4     . C A 1 5  ? -4.491  -0.774  0.152  1.00 0.27 ? 5  C A C4     1 
ATOM 148 N N4     . C A 1 5  ? -4.533  -0.113  1.309  1.00 0.38 ? 5  C A N4     1 
ATOM 149 C C5     . C A 1 5  ? -4.910  -0.158  -1.068 1.00 0.25 ? 5  C A C5     1 
ATOM 150 C C6     . C A 1 5  ? -4.829  -0.883  -2.200 1.00 0.26 ? 5  C A C6     1 
ATOM 151 H "H5'"  . C A 1 5  ? -5.477  -1.744  -7.247 1.00 0.67 ? 5  C A "H5'"  1 
ATOM 152 H "H5''" . C A 1 5  ? -6.966  -2.585  -6.770 1.00 0.71 ? 5  C A "H5''" 1 
ATOM 153 H "H4'"  . C A 1 5  ? -4.584  -3.531  -6.071 1.00 0.62 ? 5  C A "H4'"  1 
ATOM 154 H "H3'"  . C A 1 5  ? -7.056  -3.416  -4.273 1.00 0.51 ? 5  C A "H3'"  1 
ATOM 155 H "H2'"  . C A 1 5  ? -5.729  -4.243  -2.488 1.00 0.40 ? 5  C A "H2'"  1 
ATOM 156 H "HO2'" . C A 1 5  ? -5.052  -5.985  -4.118 1.00 0.62 ? 5  C A "HO2'" 1 
ATOM 157 H "H1'"  . C A 1 5  ? -3.197  -3.292  -3.510 1.00 0.40 ? 5  C A "H1'"  1 
ATOM 158 H H41    . C A 1 5  ? -4.169  -0.542  2.148  1.00 0.43 ? 5  C A H41    1 
ATOM 159 H H42    . C A 1 5  ? -4.927  0.816   1.346  1.00 0.42 ? 5  C A H42    1 
ATOM 160 H H5     . C A 1 5  ? -5.281  0.867   -1.091 1.00 0.30 ? 5  C A H5     1 
ATOM 161 H H6     . C A 1 5  ? -5.147  -0.443  -3.144 1.00 0.31 ? 5  C A H6     1 
ATOM 162 P P      . A A 1 6  ? -7.775  -5.782  -5.288 1.00 0.89 ? 6  A A P      1 
ATOM 163 O OP1    . A A 1 6  ? -7.730  -6.925  -4.348 1.00 1.73 ? 6  A A OP1    1 
ATOM 164 O OP2    . A A 1 6  ? -8.204  -5.991  -6.689 1.00 1.58 ? 6  A A OP2    1 
ATOM 165 O "O5'"  . A A 1 6  ? -8.702  -4.633  -4.642 1.00 0.96 ? 6  A A "O5'"  1 
ATOM 166 C "C5'"  . A A 1 6  ? -9.322  -4.823  -3.368 1.00 0.71 ? 6  A A "C5'"  1 
ATOM 167 C "C4'"  . A A 1 6  ? -8.303  -4.822  -2.231 1.00 0.57 ? 6  A A "C4'"  1 
ATOM 168 O "O4'"  . A A 1 6  ? -7.546  -3.601  -2.269 1.00 0.44 ? 6  A A "O4'"  1 
ATOM 169 C "C3'"  . A A 1 6  ? -8.920  -4.862  -0.840 1.00 0.60 ? 6  A A "C3'"  1 
ATOM 170 O "O3'"  . A A 1 6  ? -7.982  -5.519  0.019  1.00 0.61 ? 6  A A "O3'"  1 
ATOM 171 C "C2'"  . A A 1 6  ? -8.971  -3.403  -0.419 1.00 0.51 ? 6  A A "C2'"  1 
ATOM 172 O "O2'"  . A A 1 6  ? -8.919  -3.285  1.003  1.00 0.56 ? 6  A A "O2'"  1 
ATOM 173 C "C1'"  . A A 1 6  ? -7.698  -2.865  -1.048 1.00 0.39 ? 6  A A "C1'"  1 
ATOM 174 N N9     . A A 1 6  ? -7.799  -1.434  -1.376 1.00 0.35 ? 6  A A N9     1 
ATOM 175 C C8     . A A 1 6  ? -7.921  -0.857  -2.608 1.00 0.36 ? 6  A A C8     1 
ATOM 176 N N7     . A A 1 6  ? -8.001  0.445   -2.572 1.00 0.38 ? 6  A A N7     1 
ATOM 177 C C5     . A A 1 6  ? -7.927  0.743   -1.216 1.00 0.41 ? 6  A A C5     1 
ATOM 178 C C6     . A A 1 6  ? -7.956  1.953   -0.503 1.00 0.51 ? 6  A A C6     1 
ATOM 179 N N6     . A A 1 6  ? -8.075  3.147   -1.081 1.00 0.58 ? 6  A A N6     1 
ATOM 180 N N1     . A A 1 6  ? -7.859  1.891   0.835  1.00 0.59 ? 6  A A N1     1 
ATOM 181 C C2     . A A 1 6  ? -7.743  0.705   1.420  1.00 0.56 ? 6  A A C2     1 
ATOM 182 N N3     . A A 1 6  ? -7.705  -0.497  0.866  1.00 0.46 ? 6  A A N3     1 
ATOM 183 C C4     . A A 1 6  ? -7.803  -0.397  -0.476 1.00 0.39 ? 6  A A C4     1 
ATOM 184 H "H5'"  . A A 1 6  ? -9.849  -5.777  -3.369 1.00 0.80 ? 6  A A "H5'"  1 
ATOM 185 H "H5''" . A A 1 6  ? -10.040 -4.020  -3.201 1.00 0.74 ? 6  A A "H5''" 1 
ATOM 186 H "H4'"  . A A 1 6  ? -7.624  -5.662  -2.370 1.00 0.62 ? 6  A A "H4'"  1 
ATOM 187 H "H3'"  . A A 1 6  ? -9.893  -5.342  -0.823 1.00 0.71 ? 6  A A "H3'"  1 
ATOM 188 H "H2'"  . A A 1 6  ? -9.852  -2.907  -0.827 1.00 0.56 ? 6  A A "H2'"  1 
ATOM 189 H "HO2'" . A A 1 6  ? -8.029  -3.015  1.233  1.00 1.13 ? 6  A A "HO2'" 1 
ATOM 190 H "H1'"  . A A 1 6  ? -6.835  -3.035  -0.404 1.00 0.37 ? 6  A A "H1'"  1 
ATOM 191 H H8     . A A 1 6  ? -7.947  -1.434  -3.529 1.00 0.41 ? 6  A A H8     1 
ATOM 192 H H61    . A A 1 6  ? -8.084  3.983   -0.515 1.00 0.68 ? 6  A A H61    1 
ATOM 193 H H62    . A A 1 6  ? -8.158  3.217   -2.085 1.00 0.57 ? 6  A A H62    1 
ATOM 194 H H2     . A A 1 6  ? -7.670  0.723   2.508  1.00 0.65 ? 6  A A H2     1 
ATOM 195 P P      . U A 1 7  ? -7.722  -7.103  -0.109 1.00 0.82 ? 7  U A P      1 
ATOM 196 O OP1    . U A 1 7  ? -6.579  -7.313  -1.027 1.00 0.96 ? 7  U A OP1    1 
ATOM 197 O OP2    . U A 1 7  ? -9.018  -7.764  -0.381 1.00 1.16 ? 7  U A OP2    1 
ATOM 198 O "O5'"  . U A 1 7  ? -7.253  -7.503  1.379  1.00 0.98 ? 7  U A "O5'"  1 
ATOM 199 C "C5'"  . U A 1 7  ? -5.869  -7.472  1.748  1.00 0.70 ? 7  U A "C5'"  1 
ATOM 200 C "C4'"  . U A 1 7  ? -5.680  -6.936  3.165  1.00 0.65 ? 7  U A "C4'"  1 
ATOM 201 O "O4'"  . U A 1 7  ? -6.435  -5.730  3.308  1.00 0.59 ? 7  U A "O4'"  1 
ATOM 202 C "C3'"  . U A 1 7  ? -6.170  -7.867  4.268  1.00 0.84 ? 7  U A "C3'"  1 
ATOM 203 O "O3'"  . U A 1 7  ? -5.268  -7.719  5.369  1.00 0.86 ? 7  U A "O3'"  1 
ATOM 204 C "C2'"  . U A 1 7  ? -7.510  -7.288  4.693  1.00 0.91 ? 7  U A "C2'"  1 
ATOM 205 O "O2'"  . U A 1 7  ? -7.738  -7.521  6.086  1.00 1.08 ? 7  U A "O2'"  1 
ATOM 206 C "C1'"  . U A 1 7  ? -7.320  -5.803  4.425  1.00 0.75 ? 7  U A "C1'"  1 
ATOM 207 N N1     . U A 1 7  ? -8.592  -5.147  4.041  1.00 0.78 ? 7  U A N1     1 
ATOM 208 C C2     . U A 1 7  ? -9.146  -4.211  4.903  1.00 0.86 ? 7  U A C2     1 
ATOM 209 O O2     . U A 1 7  ? -8.621  -3.907  5.972  1.00 0.92 ? 7  U A O2     1 
ATOM 210 N N3     . U A 1 7  ? -10.332 -3.636  4.489  1.00 0.91 ? 7  U A N3     1 
ATOM 211 C C4     . U A 1 7  ? -11.001 -3.909  3.311  1.00 0.89 ? 7  U A C4     1 
ATOM 212 O O4     . U A 1 7  ? -12.054 -3.329  3.053  1.00 0.96 ? 7  U A O4     1 
ATOM 213 C C5     . U A 1 7  ? -10.362 -4.894  2.468  1.00 0.82 ? 7  U A C5     1 
ATOM 214 C C6     . U A 1 7  ? -9.199  -5.471  2.858  1.00 0.78 ? 7  U A C6     1 
ATOM 215 H "H5'"  . U A 1 7  ? -5.325  -6.832  1.053  1.00 1.14 ? 7  U A "H5'"  1 
ATOM 216 H "H5''" . U A 1 7  ? -5.463  -8.481  1.693  1.00 1.11 ? 7  U A "H5''" 1 
ATOM 217 H "H4'"  . U A 1 7  ? -4.630  -6.701  3.319  1.00 0.58 ? 7  U A "H4'"  1 
ATOM 218 H "H3'"  . U A 1 7  ? -6.240  -8.904  3.946  1.00 0.95 ? 7  U A "H3'"  1 
ATOM 219 H "H2'"  . U A 1 7  ? -8.321  -7.695  4.089  1.00 0.96 ? 7  U A "H2'"  1 
ATOM 220 H "HO2'" . U A 1 7  ? -6.962  -7.211  6.559  1.00 1.18 ? 7  U A "HO2'" 1 
ATOM 221 H "H1'"  . U A 1 7  ? -6.861  -5.297  5.277  1.00 0.79 ? 7  U A "H1'"  1 
ATOM 222 H H3     . U A 1 7  ? -10.748 -2.951  5.104  1.00 0.99 ? 7  U A H3     1 
ATOM 223 H H5     . U A 1 7  ? -10.810 -5.170  1.512  1.00 0.84 ? 7  U A H5     1 
ATOM 224 H H6     . U A 1 7  ? -8.735  -6.220  2.216  1.00 0.77 ? 7  U A H6     1 
ATOM 225 P P      . A A 1 8  ? -4.973  -8.960  6.352  1.00 0.93 ? 8  A A P      1 
ATOM 226 O OP1    . A A 1 8  ? -5.835  -10.090 5.939  1.00 1.12 ? 8  A A OP1    1 
ATOM 227 O OP2    . A A 1 8  ? -5.026  -8.465  7.745  1.00 1.06 ? 8  A A OP2    1 
ATOM 228 O "O5'"  . A A 1 8  ? -3.441  -9.345  6.012  1.00 0.99 ? 8  A A "O5'"  1 
ATOM 229 C "C5'"  . A A 1 8  ? -2.678  -8.605  5.049  1.00 0.64 ? 8  A A "C5'"  1 
ATOM 230 C "C4'"  . A A 1 8  ? -2.099  -7.322  5.649  1.00 0.53 ? 8  A A "C4'"  1 
ATOM 231 O "O4'"  . A A 1 8  ? -2.680  -6.191  4.993  1.00 0.45 ? 8  A A "O4'"  1 
ATOM 232 C "C3'"  . A A 1 8  ? -2.406  -7.125  7.140  1.00 0.69 ? 8  A A "C3'"  1 
ATOM 233 O "O3'"  . A A 1 8  ? -1.187  -6.704  7.758  1.00 0.72 ? 8  A A "O3'"  1 
ATOM 234 C "C2'"  . A A 1 8  ? -3.359  -5.941  7.196  1.00 0.72 ? 8  A A "C2'"  1 
ATOM 235 O "O2'"  . A A 1 8  ? -3.125  -5.157  8.369  1.00 0.87 ? 8  A A "O2'"  1 
ATOM 236 C "C1'"  . A A 1 8  ? -2.950  -5.185  5.958  1.00 0.57 ? 8  A A "C1'"  1 
ATOM 237 N N9     . A A 1 8  ? -3.986  -4.295  5.454  1.00 0.59 ? 8  A A N9     1 
ATOM 238 C C8     . A A 1 8  ? -4.825  -3.474  6.142  1.00 0.76 ? 8  A A C8     1 
ATOM 239 N N7     . A A 1 8  ? -5.677  -2.841  5.379  1.00 0.76 ? 8  A A N7     1 
ATOM 240 C C5     . A A 1 8  ? -5.358  -3.292  4.102  1.00 0.59 ? 8  A A C5     1 
ATOM 241 C C6     . A A 1 8  ? -5.873  -3.018  2.828  1.00 0.55 ? 8  A A C6     1 
ATOM 242 N N6     . A A 1 8  ? -6.881  -2.177  2.603  1.00 0.65 ? 8  A A N6     1 
ATOM 243 N N1     . A A 1 8  ? -5.307  -3.650  1.784  1.00 0.48 ? 8  A A N1     1 
ATOM 244 C C2     . A A 1 8  ? -4.302  -4.489  2.015  1.00 0.42 ? 8  A A C2     1 
ATOM 245 N N3     . A A 1 8  ? -3.744  -4.821  3.147  1.00 0.40 ? 8  A A N3     1 
ATOM 246 C C4     . A A 1 8  ? -4.329  -4.178  4.156  1.00 0.50 ? 8  A A C4     1 
ATOM 247 H "H5'"  . A A 1 8  ? -3.320  -8.345  4.213  1.00 1.01 ? 8  A A "H5'"  1 
ATOM 248 H "H5''" . A A 1 8  ? -1.865  -9.234  4.686  1.00 0.90 ? 8  A A "H5''" 1 
ATOM 249 H "H4'"  . A A 1 8  ? -1.019  -7.301  5.483  1.00 0.50 ? 8  A A "H4'"  1 
ATOM 250 H "H3'"  . A A 1 8  ? -2.810  -8.011  7.608  1.00 0.81 ? 8  A A "H3'"  1 
ATOM 251 H "H2'"  . A A 1 8  ? -4.399  -6.266  7.135  1.00 0.77 ? 8  A A "H2'"  1 
ATOM 252 H "HO2'" . A A 1 8  ? -2.237  -5.358  8.674  1.00 1.13 ? 8  A A "HO2'" 1 
ATOM 253 H "H1'"  . A A 1 8  ? -2.050  -4.617  6.118  1.00 0.60 ? 8  A A "H1'"  1 
ATOM 254 H H8     . A A 1 8  ? -4.792  -3.377  7.219  1.00 0.89 ? 8  A A H8     1 
ATOM 255 H H61    . A A 1 8  ? -7.157  -1.963  1.655  1.00 0.64 ? 8  A A H61    1 
ATOM 256 H H62    . A A 1 8  ? -7.369  -1.754  3.379  1.00 0.75 ? 8  A A H62    1 
ATOM 257 H H2     . A A 1 8  ? -3.885  -4.983  1.161  1.00 0.46 ? 8  A A H2     1 
ATOM 258 P P      . G A 1 9  ? -0.726  -7.324  9.170  1.00 1.20 ? 9  G A P      1 
ATOM 259 O OP1    . G A 1 9  ? -1.106  -8.755  9.196  1.00 1.83 ? 9  G A OP1    1 
ATOM 260 O OP2    . G A 1 9  ? -1.186  -6.418  10.245 1.00 2.17 ? 9  G A OP2    1 
ATOM 261 O "O5'"  . G A 1 9  ? 0.879   -7.228  9.083  1.00 0.80 ? 9  G A "O5'"  1 
ATOM 262 C "C5'"  . G A 1 9  ? 1.508   -6.108  8.453  1.00 0.75 ? 9  G A "C5'"  1 
ATOM 263 C "C4'"  . G A 1 9  ? 1.772   -6.375  6.967  1.00 0.61 ? 9  G A "C4'"  1 
ATOM 264 O "O4'"  . G A 1 9  ? 0.691   -5.823  6.196  1.00 0.54 ? 9  G A "O4'"  1 
ATOM 265 C "C3'"  . G A 1 9  ? 3.041   -5.733  6.394  1.00 0.64 ? 9  G A "C3'"  1 
ATOM 266 O "O3'"  . G A 1 9  ? 3.525   -6.612  5.377  1.00 0.57 ? 9  G A "O3'"  1 
ATOM 267 C "C2'"  . G A 1 9  ? 2.541   -4.482  5.690  1.00 0.65 ? 9  G A "C2'"  1 
ATOM 268 O "O2'"  . G A 1 9  ? 3.403   -4.136  4.604  1.00 0.70 ? 9  G A "O2'"  1 
ATOM 269 C "C1'"  . G A 1 9  ? 1.190   -4.949  5.176  1.00 0.52 ? 9  G A "C1'"  1 
ATOM 270 N N9     . G A 1 9  ? 0.244   -3.833  4.985  1.00 0.54 ? 9  G A N9     1 
ATOM 271 C C8     . G A 1 9  ? -0.145  -2.878  5.886  1.00 0.67 ? 9  G A C8     1 
ATOM 272 N N7     . G A 1 9  ? -0.991  -2.013  5.403  1.00 0.67 ? 9  G A N7     1 
ATOM 273 C C5     . G A 1 9  ? -1.178  -2.425  4.088  1.00 0.52 ? 9  G A C5     1 
ATOM 274 C C6     . G A 1 9  ? -1.994  -1.868  3.067  1.00 0.46 ? 9  G A C6     1 
ATOM 275 O O6     . G A 1 9  ? -2.729  -0.886  3.128  1.00 0.53 ? 9  G A O6     1 
ATOM 276 N N1     . G A 1 9  ? -1.893  -2.586  1.887  1.00 0.35 ? 9  G A N1     1 
ATOM 277 C C2     . G A 1 9  ? -1.108  -3.702  1.704  1.00 0.30 ? 9  G A C2     1 
ATOM 278 N N2     . G A 1 9  ? -1.133  -4.268  0.496  1.00 0.30 ? 9  G A N2     1 
ATOM 279 N N3     . G A 1 9  ? -0.338  -4.233  2.656  1.00 0.34 ? 9  G A N3     1 
ATOM 280 C C4     . G A 1 9  ? -0.424  -3.541  3.820  1.00 0.44 ? 9  G A C4     1 
ATOM 281 H "H5'"  . G A 1 9  ? 2.450   -5.904  8.960  1.00 0.78 ? 9  G A "H5'"  1 
ATOM 282 H "H5''" . G A 1 9  ? 0.859   -5.239  8.548  1.00 0.85 ? 9  G A "H5''" 1 
ATOM 283 H "H4'"  . G A 1 9  ? 1.796   -7.453  6.810  1.00 0.57 ? 9  G A "H4'"  1 
ATOM 284 H "H3'"  . G A 1 9  ? 3.806   -5.527  7.143  1.00 0.74 ? 9  G A "H3'"  1 
ATOM 285 H "H2'"  . G A 1 9  ? 2.430   -3.654  6.390  1.00 0.75 ? 9  G A "H2'"  1 
ATOM 286 H "HO2'" . G A 1 9  ? 4.303   -4.151  4.937  1.00 0.96 ? 9  G A "HO2'" 1 
ATOM 287 H "H1'"  . G A 1 9  ? 1.292   -5.503  4.244  1.00 0.45 ? 9  G A "H1'"  1 
ATOM 288 H H8     . G A 1 9  ? 0.200   -2.860  6.915  1.00 0.78 ? 9  G A H8     1 
ATOM 289 H H1     . G A 1 9  ? -2.439  -2.259  1.106  1.00 0.33 ? 9  G A H1     1 
ATOM 290 H H21    . G A 1 9  ? -1.676  -3.852  -0.247 1.00 0.34 ? 9  G A H21    1 
ATOM 291 H H22    . G A 1 9  ? -0.610  -5.115  0.325  1.00 0.32 ? 9  G A H22    1 
ATOM 292 P P      . C A 1 10 ? 5.043   -6.497  4.854  1.00 0.67 ? 10 C A P      1 
ATOM 293 O OP1    . C A 1 10 ? 5.789   -7.682  5.333  1.00 0.79 ? 10 C A OP1    1 
ATOM 294 O OP2    . C A 1 10 ? 5.538   -5.136  5.164  1.00 0.78 ? 10 C A OP2    1 
ATOM 295 O "O5'"  . C A 1 10 ? 4.874   -6.621  3.258  1.00 0.56 ? 10 C A "O5'"  1 
ATOM 296 C "C5'"  . C A 1 10 ? 5.017   -7.889  2.612  1.00 0.57 ? 10 C A "C5'"  1 
ATOM 297 C "C4'"  . C A 1 10 ? 4.581   -7.831  1.152  1.00 0.50 ? 10 C A "C4'"  1 
ATOM 298 O "O4'"  . C A 1 10 ? 3.210   -7.425  1.080  1.00 0.44 ? 10 C A "O4'"  1 
ATOM 299 C "C3'"  . C A 1 10 ? 5.308   -6.802  0.306  1.00 0.47 ? 10 C A "C3'"  1 
ATOM 300 O "O3'"  . C A 1 10 ? 6.447   -7.447  -0.265 1.00 0.53 ? 10 C A "O3'"  1 
ATOM 301 C "C2'"  . C A 1 10 ? 4.320   -6.538  -0.816 1.00 0.43 ? 10 C A "C2'"  1 
ATOM 302 O "O2'"  . C A 1 10 ? 4.387   -7.574  -1.800 1.00 0.48 ? 10 C A "O2'"  1 
ATOM 303 C "C1'"  . C A 1 10 ? 2.985   -6.589  -0.071 1.00 0.40 ? 10 C A "C1'"  1 
ATOM 304 N N1     . C A 1 10 ? 2.554   -5.249  0.397  1.00 0.36 ? 10 C A N1     1 
ATOM 305 C C2     . C A 1 10 ? 1.642   -4.541  -0.382 1.00 0.33 ? 10 C A C2     1 
ATOM 306 O O2     . C A 1 10 ? 1.210   -5.027  -1.426 1.00 0.35 ? 10 C A O2     1 
ATOM 307 N N3     . C A 1 10 ? 1.250   -3.305  0.032  1.00 0.30 ? 10 C A N3     1 
ATOM 308 C C4     . C A 1 10 ? 1.732   -2.777  1.162  1.00 0.31 ? 10 C A C4     1 
ATOM 309 N N4     . C A 1 10 ? 1.300   -1.568  1.518  1.00 0.30 ? 10 C A N4     1 
ATOM 310 C C5     . C A 1 10 ? 2.670   -3.495  1.966  1.00 0.37 ? 10 C A C5     1 
ATOM 311 C C6     . C A 1 10 ? 3.049   -4.718  1.552  1.00 0.39 ? 10 C A C6     1 
ATOM 312 H "H5'"  . C A 1 10 ? 4.407   -8.624  3.136  1.00 0.59 ? 10 C A "H5'"  1 
ATOM 313 H "H5''" . C A 1 10 ? 6.062   -8.196  2.660  1.00 0.64 ? 10 C A "H5''" 1 
ATOM 314 H "H4'"  . C A 1 10 ? 4.681   -8.824  0.713  1.00 0.54 ? 10 C A "H4'"  1 
ATOM 315 H "H3'"  . C A 1 10 ? 5.586   -5.905  0.859  1.00 0.47 ? 10 C A "H3'"  1 
ATOM 316 H "H2'"  . C A 1 10 ? 4.483   -5.557  -1.263 1.00 0.41 ? 10 C A "H2'"  1 
ATOM 317 H "HO2'" . C A 1 10 ? 5.225   -8.026  -1.682 1.00 0.58 ? 10 C A "HO2'" 1 
ATOM 318 H "H1'"  . C A 1 10 ? 2.207   -7.040  -0.692 1.00 0.41 ? 10 C A "H1'"  1 
ATOM 319 H H41    . C A 1 10 ? 0.589   -1.104  0.970  1.00 0.29 ? 10 C A H41    1 
ATOM 320 H H42    . C A 1 10 ? 1.684   -1.114  2.334  1.00 0.32 ? 10 C A H42    1 
ATOM 321 H H5     . C A 1 10 ? 3.090   -3.062  2.872  1.00 0.42 ? 10 C A H5     1 
ATOM 322 H H6     . C A 1 10 ? 3.747   -5.298  2.156  1.00 0.45 ? 10 C A H6     1 
ATOM 323 P P      . A A 1 11 ? 7.788   -6.608  -0.562 1.00 0.50 ? 11 A A P      1 
ATOM 324 O OP1    . A A 1 11 ? 8.763   -7.506  -1.220 1.00 0.53 ? 11 A A OP1    1 
ATOM 325 O OP2    . A A 1 11 ? 8.165   -5.883  0.672  1.00 0.52 ? 11 A A OP2    1 
ATOM 326 O "O5'"  . A A 1 11 ? 7.284   -5.530  -1.645 1.00 0.45 ? 11 A A "O5'"  1 
ATOM 327 C "C5'"  . A A 1 11 ? 6.822   -5.963  -2.925 1.00 0.45 ? 11 A A "C5'"  1 
ATOM 328 C "C4'"  . A A 1 11 ? 5.936   -4.917  -3.593 1.00 0.47 ? 11 A A "C4'"  1 
ATOM 329 O "O4'"  . A A 1 11 ? 4.822   -4.623  -2.749 1.00 0.53 ? 11 A A "O4'"  1 
ATOM 330 C "C3'"  . A A 1 11 ? 6.579   -3.562  -3.806 1.00 0.41 ? 11 A A "C3'"  1 
ATOM 331 O "O3'"  . A A 1 11 ? 7.216   -3.592  -5.087 1.00 0.45 ? 11 A A "O3'"  1 
ATOM 332 C "C2'"  . A A 1 11 ? 5.379   -2.634  -3.927 1.00 0.49 ? 11 A A "C2'"  1 
ATOM 333 O "O2'"  . A A 1 11 ? 4.893   -2.611  -5.272 1.00 0.61 ? 11 A A "O2'"  1 
ATOM 334 C "C1'"  . A A 1 11 ? 4.356   -3.284  -2.994 1.00 0.53 ? 11 A A "C1'"  1 
ATOM 335 N N9     . A A 1 11 ? 4.240   -2.552  -1.720 1.00 0.49 ? 11 A A N9     1 
ATOM 336 C C8     . A A 1 11 ? 4.834   -2.812  -0.510 1.00 0.48 ? 11 A A C8     1 
ATOM 337 N N7     . A A 1 11 ? 4.536   -1.939  0.416  1.00 0.47 ? 11 A A N7     1 
ATOM 338 C C5     . A A 1 11 ? 3.689   -1.043  -0.232 1.00 0.47 ? 11 A A C5     1 
ATOM 339 C C6     . A A 1 11 ? 3.022   0.118   0.192  1.00 0.47 ? 11 A A C6     1 
ATOM 340 N N6     . A A 1 11 ? 3.096   0.603   1.433  1.00 0.48 ? 11 A A N6     1 
ATOM 341 N N1     . A A 1 11 ? 2.262   0.767   -0.707 1.00 0.48 ? 11 A A N1     1 
ATOM 342 C C2     . A A 1 11 ? 2.176   0.289   -1.942 1.00 0.50 ? 11 A A C2     1 
ATOM 343 N N3     . A A 1 11 ? 2.751   -0.783  -2.461 1.00 0.50 ? 11 A A N3     1 
ATOM 344 C C4     . A A 1 11 ? 3.504   -1.410  -1.533 1.00 0.48 ? 11 A A C4     1 
ATOM 345 H "H5'"  . A A 1 11 ? 6.253   -6.884  -2.804 1.00 0.50 ? 11 A A "H5'"  1 
ATOM 346 H "H5''" . A A 1 11 ? 7.683   -6.158  -3.565 1.00 0.44 ? 11 A A "H5''" 1 
ATOM 347 H "H4'"  . A A 1 11 ? 5.568   -5.318  -4.536 1.00 0.54 ? 11 A A "H4'"  1 
ATOM 348 H "H3'"  . A A 1 11 ? 7.270   -3.279  -3.013 1.00 0.36 ? 11 A A "H3'"  1 
ATOM 349 H "H2'"  . A A 1 11 ? 5.628   -1.634  -3.579 1.00 0.47 ? 11 A A "H2'"  1 
ATOM 350 H "HO2'" . A A 1 11 ? 5.282   -1.848  -5.703 1.00 0.72 ? 11 A A "HO2'" 1 
ATOM 351 H "H1'"  . A A 1 11 ? 3.376   -3.329  -3.469 1.00 0.63 ? 11 A A "H1'"  1 
ATOM 352 H H8     . A A 1 11 ? 5.494   -3.662  -0.337 1.00 0.49 ? 11 A A H8     1 
ATOM 353 H H61    . A A 1 11 ? 2.531   1.398   1.700  1.00 0.50 ? 11 A A H61    1 
ATOM 354 H H62    . A A 1 11 ? 3.715   0.175   2.106  1.00 0.49 ? 11 A A H62    1 
ATOM 355 H H2     . A A 1 11 ? 1.545   0.859   -2.625 1.00 0.53 ? 11 A A H2     1 
ATOM 356 P P      . C A 1 12 ? 8.317   -2.482  -5.478 1.00 0.48 ? 12 C A P      1 
ATOM 357 O OP1    . C A 1 12 ? 9.032   -2.947  -6.688 1.00 0.58 ? 12 C A OP1    1 
ATOM 358 O OP2    . C A 1 12 ? 9.079   -2.135  -4.258 1.00 0.44 ? 12 C A OP2    1 
ATOM 359 O "O5'"  . C A 1 12 ? 7.411   -1.212  -5.883 1.00 0.58 ? 12 C A "O5'"  1 
ATOM 360 C "C5'"  . C A 1 12 ? 7.155   -0.913  -7.258 1.00 0.72 ? 12 C A "C5'"  1 
ATOM 361 C "C4'"  . C A 1 12 ? 6.314   0.351   -7.418 1.00 0.77 ? 12 C A "C4'"  1 
ATOM 362 O "O4'"  . C A 1 12 ? 5.266   0.350   -6.443 1.00 0.72 ? 12 C A "O4'"  1 
ATOM 363 C "C3'"  . C A 1 12 ? 7.049   1.651   -7.155 1.00 0.75 ? 12 C A "C3'"  1 
ATOM 364 O "O3'"  . C A 1 12 ? 7.582   2.099   -8.403 1.00 0.94 ? 12 C A "O3'"  1 
ATOM 365 C "C2'"  . C A 1 12 ? 5.927   2.605   -6.776 1.00 0.75 ? 12 C A "C2'"  1 
ATOM 366 O "O2'"  . C A 1 12 ? 5.279   3.111   -7.945 1.00 0.95 ? 12 C A "O2'"  1 
ATOM 367 C "C1'"  . C A 1 12 ? 4.984   1.688   -5.993 1.00 0.66 ? 12 C A "C1'"  1 
ATOM 368 N N1     . C A 1 12 ? 5.228   1.756   -4.534 1.00 0.47 ? 12 C A N1     1 
ATOM 369 C C2     . C A 1 12 ? 4.508   2.685   -3.790 1.00 0.40 ? 12 C A C2     1 
ATOM 370 O O2     . C A 1 12 ? 3.695   3.423   -4.341 1.00 0.51 ? 12 C A O2     1 
ATOM 371 N N3     . C A 1 12 ? 4.728   2.758   -2.449 1.00 0.29 ? 12 C A N3     1 
ATOM 372 C C4     . C A 1 12 ? 5.618   1.952   -1.856 1.00 0.32 ? 12 C A C4     1 
ATOM 373 N N4     . C A 1 12 ? 5.788   2.073   -0.539 1.00 0.41 ? 12 C A N4     1 
ATOM 374 C C5     . C A 1 12 ? 6.363   0.996   -2.615 1.00 0.37 ? 12 C A C5     1 
ATOM 375 C C6     . C A 1 12 ? 6.138   0.931   -3.941 1.00 0.42 ? 12 C A C6     1 
ATOM 376 H "H5'"  . C A 1 12 ? 6.625   -1.752  -7.710 1.00 0.79 ? 12 C A "H5'"  1 
ATOM 377 H "H5''" . C A 1 12 ? 8.106   -0.775  -7.775 1.00 0.77 ? 12 C A "H5''" 1 
ATOM 378 H "H4'"  . C A 1 12 ? 5.871   0.357   -8.414 1.00 0.92 ? 12 C A "H4'"  1 
ATOM 379 H "H3'"  . C A 1 12 ? 7.822   1.564   -6.390 1.00 0.65 ? 12 C A "H3'"  1 
ATOM 380 H "H2'"  . C A 1 12 ? 6.297   3.414   -6.146 1.00 0.72 ? 12 C A "H2'"  1 
ATOM 381 H "HO2'" . C A 1 12 ? 5.765   2.784   -8.706 1.00 1.06 ? 12 C A "HO2'" 1 
ATOM 382 H "H1'"  . C A 1 12 ? 3.940   1.927   -6.209 1.00 0.75 ? 12 C A "H1'"  1 
ATOM 383 H H41    . C A 1 12 ? 5.248   2.751   -0.020 1.00 0.41 ? 12 C A H41    1 
ATOM 384 H H42    . C A 1 12 ? 6.459   1.488   -0.060 1.00 0.53 ? 12 C A H42    1 
ATOM 385 H H5     . C A 1 12 ? 7.089   0.334   -2.143 1.00 0.46 ? 12 C A H5     1 
ATOM 386 H H6     . C A 1 12 ? 6.692   0.215   -4.547 1.00 0.51 ? 12 C A H6     1 
ATOM 387 P P      . C A 1 13 ? 8.936   2.970   -8.445 1.00 1.03 ? 13 C A P      1 
ATOM 388 O OP1    . C A 1 13 ? 9.213   3.329   -9.854 1.00 1.25 ? 13 C A OP1    1 
ATOM 389 O OP2    . C A 1 13 ? 9.965   2.267   -7.646 1.00 0.96 ? 13 C A OP2    1 
ATOM 390 O "O5'"  . C A 1 13 ? 8.515   4.310   -7.656 1.00 0.99 ? 13 C A "O5'"  1 
ATOM 391 C "C5'"  . C A 1 13 ? 7.602   5.240   -8.245 1.00 1.07 ? 13 C A "C5'"  1 
ATOM 392 C "C4'"  . C A 1 13 ? 6.962   6.140   -7.194 1.00 0.97 ? 13 C A "C4'"  1 
ATOM 393 O "O4'"  . C A 1 13 ? 6.501   5.349   -6.107 1.00 0.77 ? 13 C A "O4'"  1 
ATOM 394 C "C3'"  . C A 1 13 ? 7.904   7.125   -6.528 1.00 1.02 ? 13 C A "C3'"  1 
ATOM 395 O "O3'"  . C A 1 13 ? 8.068   8.293   -7.337 1.00 1.23 ? 13 C A "O3'"  1 
ATOM 396 C "C2'"  . C A 1 13 ? 7.143   7.463   -5.244 1.00 0.88 ? 13 C A "C2'"  1 
ATOM 397 O "O2'"  . C A 1 13 ? 6.239   8.547   -5.472 1.00 0.94 ? 13 C A "O2'"  1 
ATOM 398 C "C1'"  . C A 1 13 ? 6.364   6.174   -4.945 1.00 0.70 ? 13 C A "C1'"  1 
ATOM 399 N N1     . C A 1 13 ? 6.913   5.450   -3.776 1.00 0.59 ? 13 C A N1     1 
ATOM 400 C C2     . C A 1 13 ? 6.475   5.832   -2.516 1.00 0.53 ? 13 C A C2     1 
ATOM 401 O O2     . C A 1 13 ? 5.652   6.737   -2.396 1.00 0.52 ? 13 C A O2     1 
ATOM 402 N N3     . C A 1 13 ? 6.975   5.187   -1.426 1.00 0.55 ? 13 C A N3     1 
ATOM 403 C C4     . C A 1 13 ? 7.873   4.203   -1.566 1.00 0.59 ? 13 C A C4     1 
ATOM 404 N N4     . C A 1 13 ? 8.327   3.612   -0.461 1.00 0.67 ? 13 C A N4     1 
ATOM 405 C C5     . C A 1 13 ? 8.328   3.803   -2.862 1.00 0.61 ? 13 C A C5     1 
ATOM 406 C C6     . C A 1 13 ? 7.827   4.449   -3.932 1.00 0.63 ? 13 C A C6     1 
ATOM 407 H "H5'"  . C A 1 13 ? 6.819   4.688   -8.765 1.00 1.07 ? 13 C A "H5'"  1 
ATOM 408 H "H5''" . C A 1 13 ? 8.139   5.858   -8.964 1.00 1.23 ? 13 C A "H5''" 1 
ATOM 409 H "H4'"  . C A 1 13 ? 6.114   6.660   -7.641 1.00 1.04 ? 13 C A "H4'"  1 
ATOM 410 H "H3'"  . C A 1 13 ? 8.863   6.660   -6.304 1.00 1.03 ? 13 C A "H3'"  1 
ATOM 411 H "HO3'" . C A 1 13 ? 7.511   8.186   -8.110 1.00 1.50 ? 13 C A "HO3'" 1 
ATOM 412 H "H2'"  . C A 1 13 ? 7.835   7.695   -4.435 1.00 0.90 ? 13 C A "H2'"  1 
ATOM 413 H "HO2'" . C A 1 13 ? 6.632   9.111   -6.143 1.00 1.25 ? 13 C A "HO2'" 1 
ATOM 414 H "H1'"  . C A 1 13 ? 5.305   6.386   -4.782 1.00 0.65 ? 13 C A "H1'"  1 
ATOM 415 H H41    . C A 1 13 ? 7.981   3.898   0.443  1.00 0.73 ? 13 C A H41    1 
ATOM 416 H H42    . C A 1 13 ? 9.017   2.879   -0.528 1.00 0.72 ? 13 C A H42    1 
ATOM 417 H H5     . C A 1 13 ? 9.057   3.002   -2.988 1.00 0.66 ? 13 C A H5     1 
ATOM 418 H H6     . C A 1 13 ? 8.156   4.169   -4.934 1.00 0.73 ? 13 C A H6     1 
# 
